data_8I2L
#
_entry.id   8I2L
#
_cell.length_a   61.617
_cell.length_b   80.047
_cell.length_c   78.280
_cell.angle_alpha   90.00
_cell.angle_beta   105.69
_cell.angle_gamma   90.00
#
_symmetry.space_group_name_H-M   'P 1 21 1'
#
loop_
_entity.id
_entity.type
_entity.pdbx_description
1 polymer 'Tryptophan--tRNA ligase'
2 non-polymer 'SULFATE ION'
3 non-polymer "TRYPTOPHANYL-5'AMP"
4 non-polymer CHLORZOXAZONE
5 non-polymer 1,2-ETHANEDIOL
6 water water
#
_entity_poly.entity_id   1
_entity_poly.type   'polypeptide(L)'
_entity_poly.pdbx_seq_one_letter_code
;MTKPIVFSGAQPSGELTIGNYMGALRQWVNMQDDYHCIYCIVDQHAITVRQDAQKLRKATLDTLALYLACGIDPEKSTIF
VQSHVPEHAQLGWALNCYTYFGELSRMTQFKDKSARYAENINAGLFDYPVLMAADILLYQTNLVPVGEDQKQHLELSRDI
AQRFNALYGEIFKVPEPFIPKSGARVMSLLEPTKKMSKSDDNRNNVIGLLEDPKSVVKKIKRAVTDSDEPPVVRYDVQNK
AGVSNLLDILSAVTGQSIPELEKQFEGKMYGHLKGEVADAVSGMLTELQERYHRFRNDEAFLQQVMKDGAEKASAHASRT
LKAVYEAIGFVAKRHHHHHH
;
_entity_poly.pdbx_strand_id   A,B
#
# COMPACT_ATOMS: atom_id res chain seq x y z
N LYS A 3 21.41 -21.96 -0.51
CA LYS A 3 20.39 -22.23 0.54
C LYS A 3 19.04 -21.66 0.12
N PRO A 4 17.94 -22.42 0.32
CA PRO A 4 16.64 -21.81 0.03
C PRO A 4 16.29 -20.67 1.00
N ILE A 5 15.59 -19.67 0.49
CA ILE A 5 15.17 -18.53 1.28
C ILE A 5 13.82 -18.82 1.92
N VAL A 6 13.76 -18.60 3.23
CA VAL A 6 12.57 -18.84 4.03
C VAL A 6 12.11 -17.50 4.62
N PHE A 7 10.84 -17.16 4.41
CA PHE A 7 10.29 -15.91 4.95
C PHE A 7 9.24 -16.20 6.02
N SER A 8 9.36 -15.54 7.18
CA SER A 8 8.38 -15.60 8.26
C SER A 8 8.04 -14.18 8.73
N GLY A 9 6.74 -13.91 8.86
CA GLY A 9 6.24 -12.66 9.41
C GLY A 9 5.96 -12.85 10.89
N ALA A 10 6.49 -11.95 11.72
CA ALA A 10 6.34 -12.01 13.17
C ALA A 10 5.47 -10.85 13.65
N GLN A 11 4.29 -11.19 14.16
CA GLN A 11 3.29 -10.20 14.54
C GLN A 11 3.74 -9.52 15.85
N PRO A 12 3.83 -8.17 15.88
CA PRO A 12 4.19 -7.43 17.09
C PRO A 12 2.98 -7.13 17.97
N SER A 13 2.48 -8.16 18.64
CA SER A 13 1.30 -8.05 19.51
C SER A 13 1.11 -9.31 20.34
N GLY A 14 1.18 -10.46 19.68
CA GLY A 14 1.12 -11.75 20.34
C GLY A 14 2.24 -11.93 21.34
N GLU A 15 1.89 -12.39 22.54
CA GLU A 15 2.86 -12.83 23.54
C GLU A 15 2.99 -14.34 23.31
N LEU A 16 4.22 -14.79 23.07
CA LEU A 16 4.46 -16.17 22.64
C LEU A 16 4.23 -17.17 23.78
N THR A 17 3.58 -18.29 23.45
CA THR A 17 3.34 -19.37 24.39
C THR A 17 4.39 -20.47 24.26
N ILE A 18 4.37 -21.42 25.20
CA ILE A 18 5.27 -22.58 25.11
C ILE A 18 4.99 -23.45 23.88
N GLY A 19 3.75 -23.42 23.38
CA GLY A 19 3.38 -24.05 22.09
C GLY A 19 4.11 -23.42 20.91
N ASN A 20 4.10 -22.09 20.86
CA ASN A 20 4.83 -21.35 19.82
C ASN A 20 6.31 -21.67 19.87
N TYR A 21 6.87 -21.70 21.08
CA TYR A 21 8.29 -21.94 21.25
C TYR A 21 8.70 -23.39 20.93
N MET A 22 8.13 -24.35 21.67
CA MET A 22 8.50 -25.76 21.48
C MET A 22 8.00 -26.35 20.15
N GLY A 23 6.99 -25.73 19.56
CA GLY A 23 6.58 -26.05 18.20
C GLY A 23 7.49 -25.38 17.18
N ALA A 24 6.96 -24.38 16.49
CA ALA A 24 7.61 -23.80 15.31
C ALA A 24 8.96 -23.16 15.59
N LEU A 25 9.06 -22.39 16.68
CA LEU A 25 10.23 -21.54 16.89
C LEU A 25 11.49 -22.37 17.15
N ARG A 26 11.41 -23.32 18.08
CA ARG A 26 12.55 -24.20 18.38
C ARG A 26 12.96 -25.01 17.13
N GLN A 27 11.98 -25.50 16.38
CA GLN A 27 12.21 -26.14 15.05
C GLN A 27 13.09 -25.25 14.15
N TRP A 28 12.71 -23.98 14.01
CA TRP A 28 13.41 -23.07 13.08
C TRP A 28 14.74 -22.54 13.59
N VAL A 29 14.86 -22.34 14.89
CA VAL A 29 16.15 -21.98 15.51
C VAL A 29 17.27 -22.95 15.15
N ASN A 30 16.95 -24.24 15.06
CA ASN A 30 17.95 -25.29 14.74
C ASN A 30 18.22 -25.50 13.25
N MET A 31 17.54 -24.73 12.37
CA MET A 31 17.74 -24.82 10.92
C MET A 31 18.28 -23.53 10.29
N GLN A 32 18.92 -22.68 11.10
CA GLN A 32 19.43 -21.39 10.62
C GLN A 32 20.64 -21.51 9.68
N ASP A 33 21.37 -22.63 9.73
CA ASP A 33 22.46 -22.89 8.79
C ASP A 33 21.99 -23.65 7.55
N ASP A 34 20.82 -24.28 7.63
CA ASP A 34 20.24 -25.02 6.50
C ASP A 34 19.58 -24.13 5.46
N TYR A 35 18.97 -23.03 5.91
CA TYR A 35 18.24 -22.10 5.05
C TYR A 35 18.70 -20.66 5.30
N HIS A 36 18.39 -19.78 4.35
CA HIS A 36 18.56 -18.34 4.53
C HIS A 36 17.22 -17.87 5.09
N CYS A 37 17.14 -17.76 6.41
CA CYS A 37 15.88 -17.44 7.10
C CYS A 37 15.72 -15.94 7.30
N ILE A 38 14.53 -15.43 6.98
CA ILE A 38 14.21 -14.02 7.14
C ILE A 38 13.06 -13.92 8.12
N TYR A 39 13.23 -13.10 9.15
CA TYR A 39 12.17 -12.82 10.13
C TYR A 39 11.81 -11.36 10.06
N CYS A 40 10.59 -11.07 9.63
CA CYS A 40 10.13 -9.70 9.45
C CYS A 40 9.10 -9.38 10.53
N ILE A 41 9.41 -8.42 11.41
CA ILE A 41 8.45 -8.01 12.43
C ILE A 41 7.46 -7.07 11.76
N VAL A 42 6.21 -7.53 11.63
CA VAL A 42 5.23 -6.92 10.72
C VAL A 42 4.40 -5.81 11.36
N ASP A 43 5.06 -4.69 11.62
CA ASP A 43 4.39 -3.54 12.22
C ASP A 43 3.39 -2.87 11.26
N GLN A 44 3.64 -2.93 9.95
CA GLN A 44 2.68 -2.40 8.96
C GLN A 44 1.40 -3.25 8.88
N HIS A 45 1.52 -4.56 9.11
CA HIS A 45 0.34 -5.43 9.21
C HIS A 45 -0.46 -5.17 10.49
N ALA A 46 0.25 -4.89 11.58
CA ALA A 46 -0.35 -4.67 12.90
C ALA A 46 -1.37 -3.54 12.92
N ILE A 47 -1.06 -2.46 12.21
CA ILE A 47 -1.92 -1.26 12.21
C ILE A 47 -3.24 -1.40 11.44
N THR A 48 -3.48 -2.54 10.77
CA THR A 48 -4.82 -2.89 10.28
C THR A 48 -5.84 -3.00 11.41
N VAL A 49 -5.36 -3.22 12.63
CA VAL A 49 -6.17 -3.13 13.85
C VAL A 49 -5.73 -1.89 14.61
N ARG A 50 -6.66 -0.95 14.78
CA ARG A 50 -6.43 0.25 15.57
C ARG A 50 -5.94 -0.15 16.96
N GLN A 51 -4.88 0.50 17.42
CA GLN A 51 -4.32 0.19 18.73
C GLN A 51 -3.46 1.32 19.27
N ASP A 52 -3.15 1.22 20.56
CA ASP A 52 -2.35 2.24 21.24
C ASP A 52 -0.95 2.31 20.65
N ALA A 53 -0.51 3.54 20.37
CA ALA A 53 0.75 3.79 19.66
C ALA A 53 1.96 3.37 20.47
N GLN A 54 2.01 3.79 21.72
CA GLN A 54 3.13 3.46 22.61
C GLN A 54 3.26 1.95 22.84
N LYS A 55 2.13 1.27 22.97
CA LYS A 55 2.13 -0.19 23.13
C LYS A 55 2.60 -0.94 21.88
N LEU A 56 2.35 -0.38 20.69
CA LEU A 56 2.84 -0.95 19.44
C LEU A 56 4.36 -0.83 19.34
N ARG A 57 4.90 0.34 19.68
CA ARG A 57 6.35 0.55 19.74
C ARG A 57 7.03 -0.41 20.72
N LYS A 58 6.46 -0.50 21.92
CA LYS A 58 6.93 -1.44 22.95
C LYS A 58 6.87 -2.91 22.47
N ALA A 59 5.74 -3.29 21.86
CA ALA A 59 5.51 -4.68 21.43
C ALA A 59 6.44 -5.11 20.27
N THR A 60 6.79 -4.15 19.40
CA THR A 60 7.82 -4.37 18.36
C THR A 60 9.16 -4.76 18.98
N LEU A 61 9.54 -4.03 20.03
CA LEU A 61 10.80 -4.29 20.75
C LEU A 61 10.72 -5.55 21.63
N ASP A 62 9.56 -5.80 22.23
CA ASP A 62 9.33 -7.04 22.99
C ASP A 62 9.49 -8.25 22.07
N THR A 63 8.88 -8.18 20.89
CA THR A 63 8.92 -9.28 19.91
C THR A 63 10.34 -9.53 19.39
N LEU A 64 11.08 -8.44 19.10
CA LEU A 64 12.46 -8.57 18.66
C LEU A 64 13.30 -9.30 19.71
N ALA A 65 13.22 -8.81 20.95
CA ALA A 65 14.02 -9.36 22.05
C ALA A 65 13.69 -10.84 22.32
N LEU A 66 12.41 -11.19 22.22
CA LEU A 66 11.97 -12.56 22.46
C LEU A 66 12.43 -13.52 21.37
N TYR A 67 12.34 -13.09 20.10
CA TYR A 67 12.87 -13.90 18.99
C TYR A 67 14.38 -14.10 19.14
N LEU A 68 15.08 -13.04 19.53
CA LEU A 68 16.51 -13.14 19.85
C LEU A 68 16.76 -14.10 21.03
N ALA A 69 15.97 -13.97 22.09
CA ALA A 69 16.06 -14.84 23.27
C ALA A 69 15.79 -16.31 22.96
N CYS A 70 14.82 -16.57 22.09
CA CYS A 70 14.52 -17.94 21.65
C CYS A 70 15.63 -18.58 20.82
N GLY A 71 16.54 -17.76 20.29
CA GLY A 71 17.74 -18.25 19.62
C GLY A 71 17.91 -17.85 18.16
N ILE A 72 17.06 -16.97 17.64
CA ILE A 72 17.29 -16.42 16.31
C ILE A 72 18.58 -15.62 16.40
N ASP A 73 19.48 -15.91 15.47
CA ASP A 73 20.83 -15.39 15.46
C ASP A 73 20.89 -14.33 14.37
N PRO A 74 21.09 -13.04 14.73
CA PRO A 74 21.24 -11.95 13.75
C PRO A 74 22.39 -12.08 12.76
N GLU A 75 23.38 -12.92 13.06
CA GLU A 75 24.53 -13.16 12.18
C GLU A 75 24.24 -14.25 11.15
N LYS A 76 23.34 -15.18 11.46
CA LYS A 76 22.93 -16.23 10.53
C LYS A 76 21.67 -15.85 9.75
N SER A 77 20.63 -15.43 10.48
CA SER A 77 19.36 -15.04 9.89
C SER A 77 19.25 -13.51 9.77
N THR A 78 18.33 -13.06 8.92
CA THR A 78 17.99 -11.65 8.78
C THR A 78 16.76 -11.40 9.64
N ILE A 79 16.88 -10.53 10.63
CA ILE A 79 15.73 -10.11 11.44
C ILE A 79 15.61 -8.58 11.41
N PHE A 80 14.42 -8.09 11.05
CA PHE A 80 14.19 -6.65 10.85
C PHE A 80 12.75 -6.25 11.07
N VAL A 81 12.54 -4.95 11.17
CA VAL A 81 11.22 -4.35 11.34
C VAL A 81 10.72 -3.99 9.95
N GLN A 82 9.51 -4.43 9.63
CA GLN A 82 8.92 -4.29 8.28
C GLN A 82 8.99 -2.82 7.78
N SER A 83 8.54 -1.89 8.61
CA SER A 83 8.47 -0.47 8.24
C SER A 83 9.83 0.18 7.95
N HIS A 84 10.91 -0.45 8.41
CA HIS A 84 12.27 0.02 8.13
C HIS A 84 12.73 -0.24 6.70
N VAL A 85 11.96 -1.02 5.91
CA VAL A 85 12.31 -1.36 4.54
C VAL A 85 11.18 -0.87 3.61
N PRO A 86 11.32 0.34 3.01
CA PRO A 86 10.25 0.94 2.19
C PRO A 86 9.76 0.07 1.03
N GLU A 87 10.63 -0.80 0.52
CA GLU A 87 10.34 -1.66 -0.61
C GLU A 87 9.10 -2.54 -0.41
N HIS A 88 8.77 -2.86 0.84
CA HIS A 88 7.54 -3.60 1.17
C HIS A 88 6.28 -2.87 0.69
N ALA A 89 6.16 -1.61 1.10
CA ALA A 89 5.06 -0.75 0.69
C ALA A 89 5.08 -0.48 -0.81
N GLN A 90 6.26 -0.28 -1.36
CA GLN A 90 6.41 -0.01 -2.80
C GLN A 90 5.96 -1.20 -3.66
N LEU A 91 6.41 -2.41 -3.29
CA LEU A 91 6.02 -3.58 -4.06
C LEU A 91 4.56 -3.89 -3.83
N GLY A 92 4.08 -3.67 -2.60
CA GLY A 92 2.69 -3.83 -2.26
C GLY A 92 1.75 -3.01 -3.14
N TRP A 93 2.10 -1.74 -3.39
CA TRP A 93 1.28 -0.93 -4.31
C TRP A 93 1.29 -1.53 -5.72
N ALA A 94 2.47 -1.84 -6.23
CA ALA A 94 2.59 -2.44 -7.55
C ALA A 94 1.73 -3.71 -7.70
N LEU A 95 1.84 -4.62 -6.73
CA LEU A 95 1.10 -5.89 -6.78
C LEU A 95 -0.40 -5.72 -6.58
N ASN A 96 -0.79 -4.65 -5.88
CA ASN A 96 -2.20 -4.21 -5.83
C ASN A 96 -2.82 -4.12 -7.22
N CYS A 97 -2.05 -3.57 -8.16
CA CYS A 97 -2.49 -3.42 -9.56
C CYS A 97 -2.52 -4.71 -10.39
N TYR A 98 -1.96 -5.80 -9.88
CA TYR A 98 -2.07 -7.13 -10.52
C TYR A 98 -2.83 -8.14 -9.65
N THR A 99 -3.56 -7.63 -8.65
CA THR A 99 -4.43 -8.44 -7.79
C THR A 99 -5.87 -8.10 -8.15
N TYR A 100 -6.70 -9.12 -8.40
CA TYR A 100 -8.13 -8.90 -8.65
C TYR A 100 -8.83 -8.48 -7.36
N PHE A 101 -9.68 -7.46 -7.46
CA PHE A 101 -10.57 -7.07 -6.36
C PHE A 101 -11.36 -8.29 -5.84
N GLY A 102 -11.84 -9.12 -6.79
CA GLY A 102 -12.52 -10.38 -6.48
C GLY A 102 -11.76 -11.34 -5.60
N GLU A 103 -10.45 -11.47 -5.84
CA GLU A 103 -9.58 -12.31 -4.99
C GLU A 103 -9.55 -11.87 -3.52
N LEU A 104 -9.55 -10.57 -3.27
CA LEU A 104 -9.56 -10.05 -1.90
C LEU A 104 -10.92 -10.18 -1.22
N SER A 105 -12.00 -9.90 -1.95
CA SER A 105 -13.35 -10.05 -1.40
C SER A 105 -13.69 -11.53 -1.10
N ARG A 106 -13.08 -12.47 -1.82
CA ARG A 106 -13.27 -13.91 -1.60
C ARG A 106 -12.44 -14.52 -0.46
N MET A 107 -11.55 -13.74 0.16
CA MET A 107 -10.83 -14.21 1.34
C MET A 107 -11.82 -14.45 2.48
N THR A 108 -11.67 -15.58 3.17
CA THR A 108 -12.60 -15.98 4.22
C THR A 108 -12.45 -15.10 5.48
N GLN A 109 -13.01 -13.90 5.41
CA GLN A 109 -12.92 -12.90 6.48
C GLN A 109 -13.83 -11.71 6.20
N ALA A 118 -19.18 -4.60 6.95
CA ALA A 118 -18.70 -4.63 5.56
C ALA A 118 -18.15 -3.28 5.12
N GLU A 119 -19.00 -2.26 5.19
CA GLU A 119 -18.62 -0.89 4.84
C GLU A 119 -17.66 -0.24 5.85
N ASN A 120 -17.68 -0.72 7.11
CA ASN A 120 -16.91 -0.10 8.20
C ASN A 120 -15.60 -0.80 8.60
N ILE A 121 -15.17 -1.84 7.87
CA ILE A 121 -13.80 -2.37 8.10
C ILE A 121 -12.83 -1.42 7.40
N ASN A 122 -11.62 -1.29 7.92
CA ASN A 122 -10.65 -0.40 7.28
C ASN A 122 -10.03 -1.08 6.06
N ALA A 123 -9.64 -0.27 5.08
CA ALA A 123 -9.14 -0.77 3.80
C ALA A 123 -7.86 -1.60 3.95
N GLY A 124 -7.09 -1.33 4.99
CA GLY A 124 -5.91 -2.11 5.32
C GLY A 124 -6.24 -3.56 5.61
N LEU A 125 -7.29 -3.79 6.40
CA LEU A 125 -7.76 -5.15 6.71
C LEU A 125 -8.22 -5.88 5.45
N PHE A 126 -8.85 -5.15 4.54
CA PHE A 126 -9.24 -5.70 3.25
C PHE A 126 -8.04 -6.00 2.35
N ASP A 127 -7.06 -5.11 2.33
CA ASP A 127 -5.96 -5.12 1.36
C ASP A 127 -4.66 -5.82 1.83
N TYR A 128 -4.56 -6.18 3.11
CA TYR A 128 -3.29 -6.72 3.63
C TYR A 128 -2.78 -8.04 3.00
N PRO A 129 -3.66 -8.87 2.36
CA PRO A 129 -3.06 -10.04 1.69
C PRO A 129 -2.12 -9.66 0.54
N VAL A 130 -2.36 -8.50 -0.07
CA VAL A 130 -1.45 -7.96 -1.10
C VAL A 130 -0.11 -7.57 -0.47
N LEU A 131 -0.13 -6.90 0.67
CA LEU A 131 1.12 -6.55 1.37
C LEU A 131 1.87 -7.82 1.79
N MET A 132 1.13 -8.81 2.28
CA MET A 132 1.72 -10.12 2.61
C MET A 132 2.41 -10.75 1.40
N ALA A 133 1.76 -10.69 0.24
CA ALA A 133 2.39 -11.19 -1.00
C ALA A 133 3.69 -10.44 -1.32
N ALA A 134 3.66 -9.11 -1.17
CA ALA A 134 4.85 -8.30 -1.36
C ALA A 134 5.96 -8.65 -0.36
N ASP A 135 5.59 -8.88 0.91
CA ASP A 135 6.58 -9.25 1.94
C ASP A 135 7.38 -10.50 1.50
N ILE A 136 6.66 -11.49 0.95
CA ILE A 136 7.25 -12.77 0.55
C ILE A 136 8.03 -12.62 -0.75
N LEU A 137 7.41 -12.05 -1.78
CA LEU A 137 8.01 -12.00 -3.11
C LEU A 137 9.24 -11.09 -3.22
N LEU A 138 9.32 -10.08 -2.36
CA LEU A 138 10.50 -9.20 -2.31
C LEU A 138 11.84 -9.92 -2.18
N TYR A 139 11.86 -11.01 -1.41
CA TYR A 139 13.13 -11.69 -1.06
C TYR A 139 13.40 -12.94 -1.87
N GLN A 140 12.68 -13.13 -2.98
CA GLN A 140 12.85 -14.29 -3.86
C GLN A 140 12.67 -15.56 -3.02
N THR A 141 11.64 -15.53 -2.18
CA THR A 141 11.42 -16.54 -1.15
C THR A 141 11.04 -17.86 -1.80
N ASN A 142 11.68 -18.93 -1.30
CA ASN A 142 11.39 -20.29 -1.72
C ASN A 142 10.31 -20.96 -0.86
N LEU A 143 10.38 -20.73 0.45
CA LEU A 143 9.57 -21.44 1.43
C LEU A 143 8.94 -20.49 2.43
N VAL A 144 7.66 -20.70 2.72
CA VAL A 144 6.93 -19.93 3.70
C VAL A 144 6.23 -20.90 4.67
N PRO A 145 6.63 -20.89 5.97
CA PRO A 145 5.86 -21.67 6.93
C PRO A 145 4.54 -20.97 7.24
N VAL A 146 3.42 -21.65 6.98
CA VAL A 146 2.10 -21.08 7.21
C VAL A 146 1.25 -22.00 8.07
N GLY A 147 0.46 -21.40 8.96
CA GLY A 147 -0.64 -22.10 9.64
C GLY A 147 -1.83 -22.19 8.70
N GLU A 148 -2.80 -23.02 9.06
CA GLU A 148 -4.02 -23.23 8.27
C GLU A 148 -4.68 -21.92 7.82
N ASP A 149 -4.78 -20.98 8.76
CA ASP A 149 -5.40 -19.65 8.52
C ASP A 149 -4.68 -18.76 7.48
N GLN A 150 -3.40 -19.02 7.20
CA GLN A 150 -2.60 -18.27 6.24
C GLN A 150 -2.46 -18.96 4.86
N LYS A 151 -3.12 -20.11 4.66
CA LYS A 151 -2.96 -20.88 3.42
C LYS A 151 -3.53 -20.17 2.19
N GLN A 152 -4.73 -19.60 2.33
CA GLN A 152 -5.31 -18.72 1.30
C GLN A 152 -4.36 -17.59 0.87
N HIS A 153 -3.71 -16.98 1.85
CA HIS A 153 -2.84 -15.82 1.61
C HIS A 153 -1.59 -16.24 0.83
N LEU A 154 -1.02 -17.38 1.20
CA LEU A 154 0.09 -17.95 0.44
C LEU A 154 -0.33 -18.30 -0.99
N GLU A 155 -1.51 -18.92 -1.14
CA GLU A 155 -2.01 -19.23 -2.48
C GLU A 155 -2.15 -17.96 -3.32
N LEU A 156 -2.65 -16.88 -2.73
CA LEU A 156 -2.73 -15.60 -3.44
C LEU A 156 -1.35 -15.10 -3.90
N SER A 157 -0.34 -15.21 -3.04
CA SER A 157 1.01 -14.76 -3.38
C SER A 157 1.60 -15.60 -4.53
N ARG A 158 1.27 -16.90 -4.56
CA ARG A 158 1.64 -17.77 -5.67
C ARG A 158 0.93 -17.37 -6.97
N ASP A 159 -0.37 -17.09 -6.89
CA ASP A 159 -1.13 -16.64 -8.07
C ASP A 159 -0.64 -15.32 -8.63
N ILE A 160 -0.38 -14.35 -7.75
CA ILE A 160 0.19 -13.05 -8.14
C ILE A 160 1.55 -13.23 -8.81
N ALA A 161 2.43 -14.02 -8.18
CA ALA A 161 3.76 -14.29 -8.72
C ALA A 161 3.70 -14.88 -10.13
N GLN A 162 2.87 -15.91 -10.30
CA GLN A 162 2.70 -16.55 -11.61
C GLN A 162 2.12 -15.62 -12.67
N ARG A 163 1.11 -14.87 -12.28
CA ARG A 163 0.46 -13.87 -13.15
C ARG A 163 1.45 -12.83 -13.65
N PHE A 164 2.19 -12.21 -12.74
CA PHE A 164 3.23 -11.22 -13.08
C PHE A 164 4.34 -11.81 -13.94
N ASN A 165 4.80 -13.01 -13.56
CA ASN A 165 5.84 -13.70 -14.31
C ASN A 165 5.41 -14.03 -15.73
N ALA A 166 4.15 -14.43 -15.90
CA ALA A 166 3.61 -14.73 -17.24
C ALA A 166 3.64 -13.50 -18.16
N LEU A 167 3.39 -12.31 -17.60
CA LEU A 167 3.44 -11.06 -18.37
C LEU A 167 4.85 -10.57 -18.63
N TYR A 168 5.73 -10.67 -17.64
CA TYR A 168 7.00 -9.94 -17.66
C TYR A 168 8.29 -10.75 -17.66
N GLY A 169 8.19 -12.09 -17.56
CA GLY A 169 9.37 -12.95 -17.46
C GLY A 169 9.56 -13.38 -16.01
N GLU A 170 10.61 -14.15 -15.74
CA GLU A 170 10.80 -14.75 -14.40
C GLU A 170 11.36 -13.76 -13.37
N ILE A 171 10.52 -12.84 -12.95
CA ILE A 171 10.88 -11.79 -12.00
C ILE A 171 10.83 -12.33 -10.56
N PHE A 172 9.77 -13.06 -10.23
CA PHE A 172 9.57 -13.61 -8.90
C PHE A 172 9.79 -15.12 -8.87
N LYS A 173 10.26 -15.61 -7.71
CA LYS A 173 10.17 -17.03 -7.38
C LYS A 173 8.75 -17.32 -6.92
N VAL A 174 8.21 -18.46 -7.33
CA VAL A 174 6.91 -18.91 -6.86
C VAL A 174 7.18 -19.61 -5.52
N PRO A 175 6.71 -19.04 -4.39
CA PRO A 175 7.02 -19.66 -3.11
C PRO A 175 6.17 -20.90 -2.83
N GLU A 176 6.72 -21.83 -2.05
CA GLU A 176 6.02 -23.04 -1.62
C GLU A 176 5.78 -23.01 -0.13
N PRO A 177 4.72 -23.70 0.35
CA PRO A 177 4.56 -23.83 1.79
C PRO A 177 5.66 -24.72 2.37
N PHE A 178 6.11 -24.41 3.58
CA PHE A 178 7.00 -25.31 4.30
C PHE A 178 6.13 -26.39 4.92
N ILE A 179 6.18 -27.60 4.36
CA ILE A 179 5.20 -28.63 4.71
C ILE A 179 5.43 -29.31 6.07
N PRO A 180 6.67 -29.75 6.38
CA PRO A 180 6.84 -30.50 7.64
C PRO A 180 6.62 -29.68 8.91
N LYS A 181 5.80 -30.20 9.82
CA LYS A 181 5.43 -29.51 11.06
C LYS A 181 6.32 -29.98 12.23
N SER A 182 6.52 -29.09 13.21
CA SER A 182 7.47 -29.30 14.31
C SER A 182 7.31 -30.63 15.06
N GLY A 183 6.06 -31.04 15.29
CA GLY A 183 5.76 -32.33 15.92
C GLY A 183 5.67 -32.33 17.44
N ALA A 184 5.89 -31.19 18.08
CA ALA A 184 5.61 -31.01 19.51
C ALA A 184 4.15 -30.62 19.67
N ARG A 185 3.38 -31.43 20.40
CA ARG A 185 1.96 -31.19 20.64
C ARG A 185 1.77 -30.45 21.97
N VAL A 186 1.16 -29.28 21.92
CA VAL A 186 0.87 -28.47 23.10
C VAL A 186 -0.58 -27.99 23.01
N MET A 187 -1.44 -28.58 23.83
CA MET A 187 -2.86 -28.26 23.85
C MET A 187 -3.21 -27.34 25.01
N SER A 188 -4.39 -26.74 24.95
CA SER A 188 -4.87 -25.81 25.97
C SER A 188 -5.14 -26.51 27.29
N LEU A 189 -4.78 -25.86 28.39
CA LEU A 189 -4.75 -26.51 29.70
C LEU A 189 -6.14 -26.87 30.23
N LEU A 190 -7.12 -25.97 30.06
CA LEU A 190 -8.50 -26.24 30.49
C LEU A 190 -9.38 -26.81 29.38
N GLU A 191 -8.85 -26.89 28.15
CA GLU A 191 -9.56 -27.47 27.00
C GLU A 191 -8.58 -28.28 26.12
N PRO A 192 -8.18 -29.49 26.59
CA PRO A 192 -7.12 -30.26 25.93
C PRO A 192 -7.37 -30.74 24.49
N THR A 193 -8.59 -30.61 23.98
CA THR A 193 -8.89 -30.90 22.56
C THR A 193 -8.47 -29.76 21.62
N LYS A 194 -8.46 -28.51 22.12
CA LYS A 194 -8.04 -27.33 21.35
C LYS A 194 -6.55 -27.04 21.53
N LYS A 195 -5.86 -26.77 20.42
CA LYS A 195 -4.42 -26.45 20.46
C LYS A 195 -4.17 -25.14 21.21
N MET A 196 -3.05 -25.07 21.94
CA MET A 196 -2.68 -23.87 22.68
C MET A 196 -2.31 -22.77 21.69
N SER A 197 -2.99 -21.63 21.78
CA SER A 197 -2.83 -20.52 20.84
C SER A 197 -2.64 -19.21 21.61
N LYS A 198 -1.68 -18.40 21.14
CA LYS A 198 -1.41 -17.07 21.69
C LYS A 198 -2.65 -16.16 21.82
N SER A 199 -3.55 -16.27 20.86
CA SER A 199 -4.77 -15.45 20.80
C SER A 199 -5.92 -15.85 21.77
N ASP A 200 -5.78 -16.97 22.48
CA ASP A 200 -6.81 -17.47 23.42
C ASP A 200 -7.24 -16.38 24.42
N ASP A 201 -8.55 -16.24 24.60
CA ASP A 201 -9.12 -15.28 25.55
C ASP A 201 -8.89 -15.71 27.00
N ASN A 202 -9.11 -17.00 27.27
CA ASN A 202 -8.79 -17.59 28.58
C ASN A 202 -7.27 -17.73 28.71
N ARG A 203 -6.66 -16.86 29.50
CA ARG A 203 -5.20 -16.86 29.69
C ARG A 203 -4.73 -18.05 30.52
N ASN A 204 -5.63 -18.66 31.29
CA ASN A 204 -5.32 -19.89 32.03
C ASN A 204 -5.18 -21.13 31.13
N ASN A 205 -5.64 -21.05 29.88
CA ASN A 205 -5.38 -22.09 28.88
C ASN A 205 -3.93 -22.14 28.38
N VAL A 206 -3.19 -21.03 28.51
CA VAL A 206 -1.84 -20.91 27.93
C VAL A 206 -0.77 -20.71 29.01
N ILE A 207 0.47 -21.03 28.66
CA ILE A 207 1.64 -20.61 29.43
C ILE A 207 2.49 -19.74 28.52
N GLY A 208 2.50 -18.43 28.81
CA GLY A 208 3.36 -17.46 28.11
C GLY A 208 4.82 -17.66 28.47
N LEU A 209 5.70 -17.25 27.55
CA LEU A 209 7.15 -17.45 27.75
C LEU A 209 7.78 -16.62 28.86
N LEU A 210 7.07 -15.59 29.34
CA LEU A 210 7.56 -14.72 30.42
C LEU A 210 6.93 -14.97 31.81
N GLU A 211 6.19 -16.07 31.95
CA GLU A 211 5.55 -16.40 33.23
C GLU A 211 6.58 -16.92 34.24
N ASP A 212 6.46 -16.44 35.50
CA ASP A 212 7.33 -16.88 36.59
C ASP A 212 6.89 -18.26 37.12
N PRO A 213 7.77 -18.95 37.88
CA PRO A 213 7.43 -20.27 38.46
C PRO A 213 6.10 -20.36 39.23
N LYS A 214 5.74 -19.32 39.97
CA LYS A 214 4.47 -19.28 40.71
C LYS A 214 3.26 -19.36 39.78
N SER A 215 3.31 -18.61 38.68
CA SER A 215 2.23 -18.61 37.69
C SER A 215 2.09 -19.96 36.97
N VAL A 216 3.22 -20.58 36.65
CA VAL A 216 3.24 -21.87 35.94
C VAL A 216 2.70 -23.01 36.82
N VAL A 217 3.15 -23.07 38.08
CA VAL A 217 2.61 -24.01 39.07
C VAL A 217 1.09 -23.87 39.15
N LYS A 218 0.61 -22.63 39.21
CA LYS A 218 -0.81 -22.33 39.34
C LYS A 218 -1.62 -22.77 38.12
N LYS A 219 -1.13 -22.45 36.93
CA LYS A 219 -1.81 -22.83 35.68
C LYS A 219 -1.77 -24.35 35.43
N ILE A 220 -0.62 -24.98 35.70
CA ILE A 220 -0.50 -26.44 35.58
C ILE A 220 -1.33 -27.19 36.63
N LYS A 221 -1.41 -26.67 37.85
CA LYS A 221 -2.23 -27.28 38.91
C LYS A 221 -3.72 -27.31 38.55
N ARG A 222 -4.20 -26.27 37.86
CA ARG A 222 -5.59 -26.21 37.41
C ARG A 222 -5.90 -27.06 36.17
N ALA A 223 -4.86 -27.50 35.44
CA ALA A 223 -5.02 -28.20 34.17
C ALA A 223 -5.95 -29.41 34.28
N VAL A 224 -6.84 -29.55 33.31
CA VAL A 224 -7.86 -30.60 33.32
C VAL A 224 -7.18 -31.96 33.18
N THR A 225 -7.68 -32.95 33.92
CA THR A 225 -7.18 -34.33 33.81
C THR A 225 -8.39 -35.23 33.53
N ASP A 226 -8.63 -36.24 34.37
CA ASP A 226 -9.76 -37.15 34.17
C ASP A 226 -10.13 -37.79 35.51
N SER A 227 -11.23 -38.55 35.51
CA SER A 227 -11.74 -39.21 36.71
C SER A 227 -11.38 -40.71 36.81
N ASP A 228 -10.32 -41.14 36.11
CA ASP A 228 -9.89 -42.55 36.18
C ASP A 228 -9.55 -42.91 37.63
N GLU A 229 -9.96 -44.12 38.03
CA GLU A 229 -9.74 -44.64 39.38
C GLU A 229 -9.24 -46.08 39.28
N PRO A 230 -8.00 -46.37 39.71
CA PRO A 230 -7.04 -45.39 40.24
C PRO A 230 -6.58 -44.39 39.17
N PRO A 231 -6.09 -43.21 39.59
CA PRO A 231 -5.49 -42.33 38.59
C PRO A 231 -4.29 -43.01 37.95
N VAL A 232 -4.18 -42.95 36.63
CA VAL A 232 -3.09 -43.61 35.91
C VAL A 232 -2.48 -42.67 34.84
N VAL A 233 -1.16 -42.54 34.87
CA VAL A 233 -0.44 -41.71 33.91
C VAL A 233 -0.13 -42.55 32.67
N ARG A 234 -1.07 -42.53 31.72
CA ARG A 234 -0.96 -43.26 30.45
C ARG A 234 -1.42 -42.36 29.30
N TYR A 235 -0.77 -42.51 28.14
CA TYR A 235 -1.04 -41.67 26.98
C TYR A 235 -2.24 -42.20 26.19
N ASP A 236 -3.24 -41.34 26.01
CA ASP A 236 -4.51 -41.73 25.39
C ASP A 236 -5.28 -40.44 25.12
N VAL A 237 -5.16 -39.93 23.89
CA VAL A 237 -5.73 -38.61 23.55
C VAL A 237 -7.27 -38.63 23.58
N GLN A 238 -7.86 -39.77 23.21
CA GLN A 238 -9.31 -39.92 23.16
C GLN A 238 -9.95 -39.90 24.56
N ASN A 239 -9.44 -40.75 25.46
CA ASN A 239 -10.03 -40.93 26.80
C ASN A 239 -9.35 -40.14 27.92
N LYS A 240 -8.10 -39.72 27.70
CA LYS A 240 -7.29 -39.03 28.71
C LYS A 240 -6.56 -37.83 28.08
N ALA A 241 -7.34 -36.93 27.48
CA ALA A 241 -6.80 -35.77 26.75
C ALA A 241 -5.89 -34.90 27.62
N GLY A 242 -6.34 -34.59 28.83
CA GLY A 242 -5.60 -33.75 29.76
C GLY A 242 -4.26 -34.30 30.22
N VAL A 243 -4.26 -35.55 30.67
CA VAL A 243 -3.04 -36.24 31.12
C VAL A 243 -2.06 -36.42 29.95
N SER A 244 -2.62 -36.68 28.76
CA SER A 244 -1.83 -36.85 27.53
C SER A 244 -1.12 -35.55 27.15
N ASN A 245 -1.84 -34.44 27.22
CA ASN A 245 -1.27 -33.13 27.00
C ASN A 245 -0.10 -32.84 27.95
N LEU A 246 -0.30 -33.14 29.25
CA LEU A 246 0.77 -32.97 30.24
C LEU A 246 2.01 -33.80 29.93
N LEU A 247 1.79 -35.04 29.46
CA LEU A 247 2.89 -35.89 29.02
C LEU A 247 3.59 -35.32 27.78
N ASP A 248 2.82 -34.87 26.80
CA ASP A 248 3.38 -34.28 25.58
C ASP A 248 4.20 -33.02 25.89
N ILE A 249 3.70 -32.18 26.81
CA ILE A 249 4.44 -30.99 27.25
C ILE A 249 5.75 -31.41 27.92
N LEU A 250 5.67 -32.37 28.84
CA LEU A 250 6.87 -32.83 29.56
C LEU A 250 7.89 -33.44 28.61
N SER A 251 7.40 -34.27 27.68
CA SER A 251 8.26 -34.87 26.64
C SER A 251 8.92 -33.80 25.76
N ALA A 252 8.14 -32.81 25.33
CA ALA A 252 8.65 -31.68 24.55
C ALA A 252 9.81 -30.93 25.25
N VAL A 253 9.68 -30.73 26.56
CA VAL A 253 10.71 -30.02 27.34
C VAL A 253 11.98 -30.86 27.54
N THR A 254 11.82 -32.09 28.04
CA THR A 254 12.96 -32.89 28.48
C THR A 254 13.60 -33.76 27.40
N GLY A 255 12.87 -34.05 26.33
CA GLY A 255 13.31 -34.99 25.31
C GLY A 255 13.12 -36.47 25.65
N GLN A 256 12.50 -36.74 26.81
CA GLN A 256 12.18 -38.11 27.22
C GLN A 256 10.98 -38.60 26.43
N SER A 257 10.98 -39.89 26.06
CA SER A 257 9.89 -40.46 25.29
C SER A 257 8.66 -40.65 26.16
N ILE A 258 7.51 -40.79 25.49
CA ILE A 258 6.25 -41.04 26.17
C ILE A 258 6.29 -42.37 26.94
N PRO A 259 6.66 -43.49 26.28
CA PRO A 259 6.84 -44.74 27.03
C PRO A 259 7.77 -44.62 28.25
N GLU A 260 8.85 -43.85 28.12
CA GLU A 260 9.76 -43.61 29.23
C GLU A 260 9.06 -42.87 30.37
N LEU A 261 8.28 -41.84 30.04
CA LEU A 261 7.50 -41.10 31.04
C LEU A 261 6.38 -41.95 31.65
N GLU A 262 5.73 -42.77 30.84
CA GLU A 262 4.70 -43.70 31.34
C GLU A 262 5.29 -44.64 32.40
N LYS A 263 6.50 -45.15 32.16
CA LYS A 263 7.22 -45.96 33.14
C LYS A 263 7.62 -45.16 34.38
N GLN A 264 8.16 -43.96 34.15
CA GLN A 264 8.55 -43.04 35.23
C GLN A 264 7.40 -42.71 36.20
N PHE A 265 6.17 -42.63 35.71
CA PHE A 265 5.00 -42.34 36.55
C PHE A 265 4.16 -43.57 36.88
N GLU A 266 4.79 -44.75 36.95
CA GLU A 266 4.10 -45.99 37.36
C GLU A 266 3.72 -45.89 38.85
N GLY A 267 2.45 -46.16 39.15
CA GLY A 267 1.93 -46.05 40.51
C GLY A 267 1.81 -44.63 41.04
N LYS A 268 1.95 -43.63 40.16
CA LYS A 268 1.97 -42.24 40.56
C LYS A 268 0.67 -41.56 40.12
N MET A 269 0.30 -40.55 40.89
CA MET A 269 -0.91 -39.74 40.68
C MET A 269 -0.63 -38.48 39.83
N TYR A 270 -1.70 -37.79 39.47
CA TYR A 270 -1.64 -36.59 38.61
C TYR A 270 -0.97 -35.37 39.29
N GLY A 271 -1.03 -35.32 40.62
CA GLY A 271 -0.23 -34.35 41.40
C GLY A 271 1.26 -34.40 41.12
N HIS A 272 1.81 -35.62 41.02
CA HIS A 272 3.25 -35.83 40.77
C HIS A 272 3.60 -35.42 39.35
N LEU A 273 2.74 -35.79 38.40
CA LEU A 273 2.89 -35.40 36.99
C LEU A 273 2.94 -33.88 36.85
N LYS A 274 1.92 -33.21 37.38
CA LYS A 274 1.80 -31.75 37.35
C LYS A 274 3.00 -31.04 37.96
N GLY A 275 3.45 -31.52 39.12
CA GLY A 275 4.64 -31.01 39.81
C GLY A 275 5.87 -31.01 38.92
N GLU A 276 6.12 -32.15 38.27
CA GLU A 276 7.24 -32.28 37.34
C GLU A 276 7.06 -31.48 36.04
N VAL A 277 5.84 -31.40 35.54
CA VAL A 277 5.54 -30.57 34.35
C VAL A 277 5.88 -29.11 34.62
N ALA A 278 5.40 -28.59 35.77
CA ALA A 278 5.66 -27.19 36.16
C ALA A 278 7.15 -26.89 36.33
N ASP A 279 7.87 -27.80 36.99
CA ASP A 279 9.32 -27.66 37.19
C ASP A 279 10.09 -27.73 35.87
N ALA A 280 9.71 -28.67 35.01
CA ALA A 280 10.32 -28.82 33.70
C ALA A 280 10.11 -27.55 32.86
N VAL A 281 8.85 -27.12 32.76
CA VAL A 281 8.49 -25.93 31.98
C VAL A 281 9.22 -24.68 32.52
N SER A 282 9.16 -24.46 33.83
CA SER A 282 9.87 -23.32 34.45
C SER A 282 11.39 -23.39 34.28
N GLY A 283 11.95 -24.60 34.36
CA GLY A 283 13.37 -24.83 34.05
C GLY A 283 13.78 -24.41 32.65
N MET A 284 12.87 -24.56 31.69
CA MET A 284 13.08 -24.10 30.32
C MET A 284 12.94 -22.58 30.18
N LEU A 285 11.93 -22.01 30.84
CA LEU A 285 11.64 -20.58 30.76
C LEU A 285 12.63 -19.66 31.49
N THR A 286 13.36 -20.16 32.49
CA THR A 286 14.30 -19.30 33.25
C THR A 286 15.55 -18.90 32.45
N GLU A 287 16.11 -19.83 31.68
CA GLU A 287 17.20 -19.51 30.73
C GLU A 287 16.72 -18.57 29.62
N LEU A 288 15.48 -18.80 29.17
CA LEU A 288 14.86 -18.01 28.12
C LEU A 288 14.58 -16.59 28.59
N GLN A 289 14.02 -16.48 29.80
CA GLN A 289 13.70 -15.18 30.40
C GLN A 289 14.95 -14.37 30.75
N GLU A 290 16.01 -15.05 31.18
CA GLU A 290 17.30 -14.39 31.43
C GLU A 290 17.84 -13.72 30.15
N ARG A 291 17.84 -14.47 29.05
CA ARG A 291 18.25 -13.93 27.75
C ARG A 291 17.36 -12.77 27.29
N TYR A 292 16.04 -12.93 27.44
CA TYR A 292 15.07 -11.90 27.06
C TYR A 292 15.30 -10.56 27.76
N HIS A 293 15.31 -10.58 29.10
CA HIS A 293 15.48 -9.35 29.88
C HIS A 293 16.84 -8.68 29.65
N ARG A 294 17.87 -9.49 29.40
CA ARG A 294 19.19 -8.99 29.03
C ARG A 294 19.16 -8.26 27.68
N PHE A 295 18.55 -8.90 26.66
CA PHE A 295 18.43 -8.30 25.32
C PHE A 295 17.46 -7.13 25.29
N ARG A 296 16.31 -7.28 25.94
CA ARG A 296 15.23 -6.29 25.86
C ARG A 296 15.63 -4.93 26.43
N ASN A 297 16.54 -4.93 27.41
CA ASN A 297 16.97 -3.70 28.08
C ASN A 297 18.37 -3.24 27.67
N ASP A 298 18.90 -3.81 26.58
CA ASP A 298 20.11 -3.32 25.94
C ASP A 298 19.68 -2.56 24.68
N GLU A 299 19.37 -1.27 24.86
CA GLU A 299 18.93 -0.41 23.76
C GLU A 299 19.87 -0.38 22.56
N ALA A 300 21.18 -0.31 22.81
CA ALA A 300 22.18 -0.24 21.73
C ALA A 300 22.23 -1.53 20.92
N PHE A 301 22.13 -2.67 21.60
CA PHE A 301 22.12 -3.97 20.95
C PHE A 301 20.91 -4.11 20.01
N LEU A 302 19.72 -3.79 20.52
CA LEU A 302 18.50 -3.87 19.73
C LEU A 302 18.53 -2.94 18.52
N GLN A 303 18.97 -1.70 18.73
CA GLN A 303 19.16 -0.74 17.63
C GLN A 303 20.13 -1.26 16.56
N GLN A 304 21.22 -1.89 16.98
CA GLN A 304 22.19 -2.46 16.04
C GLN A 304 21.62 -3.65 15.26
N VAL A 305 20.89 -4.53 15.94
CA VAL A 305 20.21 -5.66 15.28
C VAL A 305 19.26 -5.13 14.21
N MET A 306 18.44 -4.15 14.58
CA MET A 306 17.48 -3.56 13.64
C MET A 306 18.13 -2.88 12.44
N LYS A 307 19.23 -2.15 12.67
CA LYS A 307 19.93 -1.46 11.59
C LYS A 307 20.56 -2.45 10.63
N ASP A 308 21.31 -3.41 11.16
CA ASP A 308 21.95 -4.47 10.36
C ASP A 308 20.92 -5.30 9.57
N GLY A 309 19.81 -5.64 10.21
CA GLY A 309 18.75 -6.43 9.59
C GLY A 309 18.10 -5.71 8.43
N ALA A 310 17.71 -4.46 8.66
CA ALA A 310 17.15 -3.61 7.62
C ALA A 310 18.10 -3.41 6.43
N GLU A 311 19.40 -3.30 6.71
CA GLU A 311 20.42 -3.15 5.68
C GLU A 311 20.55 -4.39 4.80
N LYS A 312 20.59 -5.56 5.43
CA LYS A 312 20.60 -6.85 4.70
C LYS A 312 19.33 -7.02 3.88
N ALA A 313 18.18 -6.77 4.51
CA ALA A 313 16.88 -6.88 3.84
C ALA A 313 16.75 -5.94 2.64
N SER A 314 17.08 -4.67 2.84
CA SER A 314 16.97 -3.66 1.79
C SER A 314 17.84 -3.95 0.56
N ALA A 315 19.05 -4.46 0.79
CA ALA A 315 19.94 -4.85 -0.30
C ALA A 315 19.29 -5.90 -1.22
N HIS A 316 18.64 -6.89 -0.62
CA HIS A 316 17.92 -7.90 -1.39
C HIS A 316 16.62 -7.33 -1.99
N ALA A 317 15.85 -6.64 -1.16
CA ALA A 317 14.56 -6.08 -1.56
C ALA A 317 14.68 -5.10 -2.73
N SER A 318 15.68 -4.22 -2.68
CA SER A 318 15.89 -3.23 -3.73
C SER A 318 16.21 -3.86 -5.10
N ARG A 319 16.92 -5.00 -5.10
CA ARG A 319 17.21 -5.72 -6.33
C ARG A 319 15.93 -6.27 -6.98
N THR A 320 15.03 -6.84 -6.19
CA THR A 320 13.76 -7.32 -6.70
C THR A 320 12.90 -6.14 -7.20
N LEU A 321 12.75 -5.11 -6.37
CA LEU A 321 11.92 -3.96 -6.75
C LEU A 321 12.38 -3.28 -8.04
N LYS A 322 13.69 -3.18 -8.22
CA LYS A 322 14.28 -2.60 -9.44
C LYS A 322 13.87 -3.41 -10.68
N ALA A 323 13.95 -4.74 -10.58
CA ALA A 323 13.51 -5.63 -11.66
C ALA A 323 12.02 -5.49 -11.96
N VAL A 324 11.21 -5.38 -10.90
CA VAL A 324 9.77 -5.20 -11.03
C VAL A 324 9.44 -3.89 -11.73
N TYR A 325 10.06 -2.80 -11.26
CA TYR A 325 9.86 -1.46 -11.83
C TYR A 325 10.28 -1.40 -13.29
N GLU A 326 11.41 -2.02 -13.62
CA GLU A 326 11.87 -2.07 -15.00
C GLU A 326 10.88 -2.83 -15.89
N ALA A 327 10.33 -3.93 -15.38
CA ALA A 327 9.33 -4.72 -16.10
C ALA A 327 8.04 -3.96 -16.39
N ILE A 328 7.52 -3.28 -15.36
CA ILE A 328 6.29 -2.48 -15.48
C ILE A 328 6.50 -1.34 -16.48
N GLY A 329 7.72 -0.80 -16.51
CA GLY A 329 8.09 0.28 -17.41
C GLY A 329 8.28 1.65 -16.76
N PHE A 330 8.33 1.73 -15.43
CA PHE A 330 8.57 3.02 -14.78
C PHE A 330 9.94 3.58 -15.17
N VAL A 331 10.00 4.90 -15.31
CA VAL A 331 11.27 5.59 -15.48
C VAL A 331 12.08 5.41 -14.20
N ALA A 332 13.31 4.91 -14.35
CA ALA A 332 14.20 4.65 -13.21
C ALA A 332 14.51 5.96 -12.48
N LYS A 333 14.51 5.91 -11.14
CA LYS A 333 14.87 7.04 -10.30
C LYS A 333 16.28 7.51 -10.64
N ARG A 334 16.50 8.81 -10.56
CA ARG A 334 17.79 9.43 -10.85
C ARG A 334 18.49 9.61 -9.49
N HIS A 335 19.42 8.71 -9.19
CA HIS A 335 20.12 8.67 -7.90
C HIS A 335 21.35 9.56 -7.93
N THR B 2 7.00 30.95 5.33
CA THR B 2 6.98 30.08 4.12
C THR B 2 5.60 30.14 3.44
N LYS B 3 5.60 29.98 2.12
CA LYS B 3 4.37 30.06 1.33
C LYS B 3 3.46 28.85 1.55
N PRO B 4 2.13 29.04 1.41
CA PRO B 4 1.27 27.86 1.35
C PRO B 4 1.66 26.92 0.20
N ILE B 5 1.35 25.64 0.36
CA ILE B 5 1.80 24.62 -0.57
C ILE B 5 0.68 24.18 -1.51
N VAL B 6 1.02 24.12 -2.80
CA VAL B 6 0.15 23.57 -3.85
C VAL B 6 0.72 22.23 -4.29
N PHE B 7 -0.16 21.22 -4.39
CA PHE B 7 0.20 19.92 -4.95
C PHE B 7 -0.85 19.44 -5.94
N SER B 8 -0.41 18.93 -7.08
CA SER B 8 -1.32 18.24 -8.00
C SER B 8 -0.54 17.25 -8.86
N GLY B 9 -1.27 16.32 -9.45
CA GLY B 9 -0.69 15.26 -10.26
C GLY B 9 -1.50 14.94 -11.48
N ALA B 10 -0.86 14.29 -12.45
CA ALA B 10 -1.55 13.81 -13.65
C ALA B 10 -0.91 12.49 -14.08
N GLN B 11 -1.73 11.57 -14.58
CA GLN B 11 -1.26 10.25 -14.96
C GLN B 11 -0.55 10.28 -16.30
N PRO B 12 0.58 9.55 -16.43
CA PRO B 12 1.15 9.28 -17.75
C PRO B 12 0.46 8.08 -18.41
N SER B 13 -0.83 8.22 -18.68
CA SER B 13 -1.62 7.21 -19.38
C SER B 13 -2.46 7.96 -20.40
N GLY B 14 -2.41 7.51 -21.65
CA GLY B 14 -3.00 8.26 -22.76
C GLY B 14 -2.25 9.54 -23.04
N GLU B 15 -2.84 10.38 -23.89
CA GLU B 15 -2.27 11.68 -24.25
C GLU B 15 -3.15 12.77 -23.64
N LEU B 16 -2.57 13.59 -22.77
CA LEU B 16 -3.33 14.66 -22.10
C LEU B 16 -4.12 15.49 -23.10
N THR B 17 -5.32 15.91 -22.70
CA THR B 17 -6.24 16.65 -23.55
C THR B 17 -6.36 18.10 -23.14
N ILE B 18 -7.10 18.86 -23.95
CA ILE B 18 -7.50 20.22 -23.62
C ILE B 18 -8.31 20.24 -22.29
N GLY B 19 -9.03 19.17 -22.02
CA GLY B 19 -9.68 18.96 -20.71
C GLY B 19 -8.69 18.97 -19.55
N ASN B 20 -7.67 18.13 -19.63
CA ASN B 20 -6.60 18.12 -18.61
C ASN B 20 -5.94 19.49 -18.43
N TYR B 21 -5.75 20.22 -19.53
CA TYR B 21 -5.15 21.55 -19.48
C TYR B 21 -6.01 22.57 -18.74
N MET B 22 -7.27 22.69 -19.17
CA MET B 22 -8.20 23.68 -18.61
C MET B 22 -8.61 23.40 -17.17
N GLY B 23 -8.82 22.13 -16.84
CA GLY B 23 -9.22 21.73 -15.49
C GLY B 23 -8.10 21.77 -14.47
N ALA B 24 -6.85 21.63 -14.92
CA ALA B 24 -5.70 21.45 -14.04
C ALA B 24 -4.49 22.27 -14.46
N LEU B 25 -3.84 21.90 -15.56
CA LEU B 25 -2.52 22.43 -15.92
C LEU B 25 -2.45 23.97 -16.07
N ARG B 26 -3.50 24.56 -16.62
CA ARG B 26 -3.61 26.03 -16.70
C ARG B 26 -3.50 26.68 -15.31
N GLN B 27 -4.19 26.11 -14.32
CA GLN B 27 -4.17 26.65 -12.96
C GLN B 27 -2.80 26.43 -12.34
N TRP B 28 -2.21 25.25 -12.62
CA TRP B 28 -0.88 24.92 -12.11
C TRP B 28 0.14 26.00 -12.49
N VAL B 29 0.12 26.38 -13.75
CA VAL B 29 1.08 27.35 -14.31
C VAL B 29 0.93 28.73 -13.67
N ASN B 30 -0.31 29.13 -13.40
CA ASN B 30 -0.61 30.46 -12.86
C ASN B 30 -0.39 30.60 -11.35
N MET B 31 -0.31 29.46 -10.64
CA MET B 31 -0.11 29.45 -9.18
C MET B 31 1.35 29.46 -8.76
N GLN B 32 2.28 29.36 -9.71
CA GLN B 32 3.70 29.09 -9.42
C GLN B 32 4.43 30.11 -8.57
N ASP B 33 4.13 31.39 -8.75
CA ASP B 33 4.78 32.42 -7.93
C ASP B 33 4.02 32.68 -6.63
N ASP B 34 2.69 32.61 -6.69
CA ASP B 34 1.84 32.91 -5.53
C ASP B 34 1.92 31.88 -4.42
N TYR B 35 2.19 30.62 -4.79
CA TYR B 35 2.30 29.54 -3.81
C TYR B 35 3.54 28.70 -4.10
N HIS B 36 3.90 27.83 -3.15
CA HIS B 36 5.00 26.88 -3.31
C HIS B 36 4.41 25.64 -3.96
N CYS B 37 4.66 25.45 -5.25
CA CYS B 37 3.95 24.44 -6.04
C CYS B 37 4.79 23.19 -6.29
N ILE B 38 4.12 22.04 -6.16
CA ILE B 38 4.71 20.72 -6.33
C ILE B 38 3.83 19.93 -7.30
N TYR B 39 4.39 19.54 -8.44
CA TYR B 39 3.63 18.85 -9.50
C TYR B 39 4.24 17.49 -9.78
N CYS B 40 3.38 16.49 -9.90
CA CYS B 40 3.78 15.10 -9.89
C CYS B 40 3.25 14.39 -11.14
N ILE B 41 4.08 13.53 -11.73
CA ILE B 41 3.65 12.61 -12.78
C ILE B 41 3.33 11.30 -12.05
N VAL B 42 2.06 10.93 -11.98
CA VAL B 42 1.62 9.83 -11.10
C VAL B 42 1.63 8.48 -11.83
N ASP B 43 2.83 7.95 -12.03
CA ASP B 43 3.00 6.68 -12.73
C ASP B 43 2.47 5.47 -11.95
N GLN B 44 2.51 5.55 -10.62
CA GLN B 44 1.92 4.49 -9.78
C GLN B 44 0.38 4.45 -9.89
N HIS B 45 -0.28 5.60 -10.03
CA HIS B 45 -1.70 5.62 -10.33
C HIS B 45 -2.03 5.12 -11.75
N ALA B 46 -1.16 5.41 -12.71
CA ALA B 46 -1.39 5.04 -14.10
C ALA B 46 -1.54 3.52 -14.27
N ILE B 47 -0.74 2.76 -13.52
CA ILE B 47 -0.74 1.29 -13.64
C ILE B 47 -1.97 0.57 -13.05
N THR B 48 -2.89 1.31 -12.45
CA THR B 48 -4.22 0.75 -12.09
C THR B 48 -5.06 0.42 -13.32
N VAL B 49 -4.68 0.97 -14.48
CA VAL B 49 -5.15 0.56 -15.80
C VAL B 49 -3.93 -0.03 -16.50
N ARG B 50 -4.10 -1.20 -17.10
CA ARG B 50 -2.98 -1.96 -17.67
C ARG B 50 -2.29 -1.21 -18.80
N GLN B 51 -0.99 -0.98 -18.62
CA GLN B 51 -0.16 -0.25 -19.59
C GLN B 51 0.85 -1.20 -20.23
N ASP B 52 1.08 -1.01 -21.52
CA ASP B 52 2.28 -1.52 -22.19
C ASP B 52 3.50 -0.83 -21.56
N ALA B 53 4.55 -1.61 -21.25
CA ALA B 53 5.72 -1.09 -20.53
C ALA B 53 6.47 0.03 -21.26
N GLN B 54 6.61 -0.12 -22.58
CA GLN B 54 7.25 0.92 -23.41
C GLN B 54 6.39 2.17 -23.51
N LYS B 55 5.07 1.99 -23.68
CA LYS B 55 4.10 3.11 -23.68
C LYS B 55 4.13 3.92 -22.37
N LEU B 56 4.16 3.22 -21.24
CA LEU B 56 4.23 3.86 -19.91
C LEU B 56 5.49 4.70 -19.73
N ARG B 57 6.64 4.13 -20.09
CA ARG B 57 7.90 4.85 -19.96
C ARG B 57 7.91 6.10 -20.83
N LYS B 58 7.52 5.93 -22.10
CA LYS B 58 7.42 7.04 -23.04
C LYS B 58 6.40 8.10 -22.60
N ALA B 59 5.25 7.66 -22.08
CA ALA B 59 4.21 8.59 -21.62
C ALA B 59 4.62 9.39 -20.37
N THR B 60 5.45 8.80 -19.52
CA THR B 60 5.98 9.49 -18.33
C THR B 60 6.83 10.67 -18.77
N LEU B 61 7.72 10.42 -19.73
CA LEU B 61 8.60 11.45 -20.28
C LEU B 61 7.83 12.47 -21.14
N ASP B 62 6.87 11.99 -21.94
CA ASP B 62 5.95 12.89 -22.66
C ASP B 62 5.27 13.88 -21.70
N THR B 63 4.70 13.35 -20.61
CA THR B 63 3.97 14.11 -19.61
C THR B 63 4.86 15.16 -18.96
N LEU B 64 6.08 14.76 -18.59
CA LEU B 64 7.08 15.67 -18.06
C LEU B 64 7.36 16.83 -19.03
N ALA B 65 7.68 16.52 -20.28
CA ALA B 65 7.96 17.55 -21.31
C ALA B 65 6.75 18.47 -21.54
N LEU B 66 5.56 17.90 -21.43
CA LEU B 66 4.31 18.62 -21.58
C LEU B 66 4.06 19.64 -20.45
N TYR B 67 4.34 19.26 -19.20
CA TYR B 67 4.34 20.19 -18.06
C TYR B 67 5.27 21.37 -18.36
N LEU B 68 6.49 21.07 -18.81
CA LEU B 68 7.48 22.09 -19.14
C LEU B 68 7.03 22.99 -20.28
N ALA B 69 6.48 22.39 -21.34
CA ALA B 69 5.90 23.12 -22.46
C ALA B 69 4.74 24.04 -22.07
N CYS B 70 3.94 23.62 -21.10
CA CYS B 70 2.83 24.45 -20.60
C CYS B 70 3.27 25.67 -19.79
N GLY B 71 4.52 25.72 -19.36
CA GLY B 71 5.04 26.81 -18.53
C GLY B 71 5.40 26.43 -17.09
N ILE B 72 5.33 25.15 -16.74
CA ILE B 72 5.78 24.71 -15.42
C ILE B 72 7.29 24.79 -15.44
N ASP B 73 7.84 25.52 -14.48
CA ASP B 73 9.20 26.01 -14.49
C ASP B 73 9.92 25.31 -13.35
N PRO B 74 10.93 24.48 -13.66
CA PRO B 74 11.62 23.75 -12.60
C PRO B 74 12.44 24.63 -11.64
N GLU B 75 12.71 25.88 -12.01
CA GLU B 75 13.28 26.86 -11.08
C GLU B 75 12.26 27.39 -10.05
N LYS B 76 10.97 27.35 -10.38
CA LYS B 76 9.89 27.80 -9.49
C LYS B 76 9.17 26.67 -8.76
N SER B 77 8.94 25.56 -9.47
CA SER B 77 8.12 24.44 -8.97
C SER B 77 8.95 23.18 -8.86
N THR B 78 8.55 22.31 -7.94
CA THR B 78 9.10 20.96 -7.83
C THR B 78 8.32 20.03 -8.77
N ILE B 79 9.02 19.45 -9.73
CA ILE B 79 8.43 18.56 -10.73
C ILE B 79 9.08 17.19 -10.54
N PHE B 80 8.27 16.16 -10.29
CA PHE B 80 8.82 14.81 -10.07
C PHE B 80 7.89 13.66 -10.46
N VAL B 81 8.48 12.47 -10.54
CA VAL B 81 7.77 11.26 -10.88
C VAL B 81 7.47 10.52 -9.58
N GLN B 82 6.20 10.16 -9.41
CA GLN B 82 5.67 9.57 -8.18
C GLN B 82 6.48 8.38 -7.67
N SER B 83 6.81 7.45 -8.57
CA SER B 83 7.52 6.22 -8.19
C SER B 83 8.95 6.45 -7.68
N HIS B 84 9.52 7.63 -7.99
CA HIS B 84 10.85 8.00 -7.50
C HIS B 84 10.91 8.37 -6.01
N VAL B 85 9.76 8.54 -5.37
CA VAL B 85 9.69 8.92 -3.96
C VAL B 85 8.93 7.81 -3.22
N PRO B 86 9.66 6.87 -2.56
CA PRO B 86 9.05 5.73 -1.84
C PRO B 86 7.99 6.09 -0.79
N GLU B 87 8.12 7.28 -0.21
CA GLU B 87 7.18 7.77 0.82
C GLU B 87 5.72 7.80 0.37
N HIS B 88 5.45 7.95 -0.92
CA HIS B 88 4.06 7.89 -1.43
C HIS B 88 3.41 6.53 -1.13
N ALA B 89 4.10 5.45 -1.50
CA ALA B 89 3.61 4.10 -1.22
C ALA B 89 3.58 3.79 0.28
N GLN B 90 4.59 4.24 1.01
CA GLN B 90 4.66 4.03 2.46
C GLN B 90 3.50 4.68 3.20
N LEU B 91 3.26 5.97 2.93
CA LEU B 91 2.18 6.67 3.59
C LEU B 91 0.84 6.12 3.10
N GLY B 92 0.78 5.74 1.82
CA GLY B 92 -0.41 5.11 1.23
C GLY B 92 -0.87 3.89 2.00
N TRP B 93 0.05 2.98 2.30
CA TRP B 93 -0.29 1.83 3.15
C TRP B 93 -0.83 2.26 4.52
N ALA B 94 -0.11 3.15 5.19
CA ALA B 94 -0.55 3.63 6.51
C ALA B 94 -1.96 4.21 6.45
N LEU B 95 -2.23 5.06 5.47
CA LEU B 95 -3.57 5.67 5.32
C LEU B 95 -4.68 4.68 4.94
N ASN B 96 -4.32 3.58 4.27
CA ASN B 96 -5.24 2.44 4.09
C ASN B 96 -5.91 2.03 5.41
N CYS B 97 -5.14 2.05 6.49
CA CYS B 97 -5.62 1.67 7.81
C CYS B 97 -6.53 2.68 8.52
N TYR B 98 -6.63 3.90 7.98
CA TYR B 98 -7.54 4.93 8.48
C TYR B 98 -8.59 5.31 7.45
N THR B 99 -8.79 4.43 6.46
CA THR B 99 -9.78 4.63 5.41
C THR B 99 -10.74 3.46 5.51
N TYR B 100 -12.03 3.73 5.35
CA TYR B 100 -13.05 2.69 5.45
C TYR B 100 -13.35 2.09 4.08
N PHE B 101 -13.64 0.80 4.06
CA PHE B 101 -14.01 0.08 2.84
C PHE B 101 -15.11 0.81 2.07
N GLY B 102 -16.15 1.24 2.80
CA GLY B 102 -17.32 1.91 2.22
C GLY B 102 -17.03 3.24 1.54
N GLU B 103 -16.06 3.98 2.06
CA GLU B 103 -15.58 5.22 1.43
C GLU B 103 -15.00 4.98 0.04
N LEU B 104 -14.40 3.80 -0.16
CA LEU B 104 -13.78 3.45 -1.46
C LEU B 104 -14.75 2.80 -2.44
N SER B 105 -15.63 1.92 -1.96
CA SER B 105 -16.62 1.26 -2.82
C SER B 105 -17.63 2.24 -3.45
N ARG B 106 -17.90 3.35 -2.76
CA ARG B 106 -18.84 4.37 -3.23
C ARG B 106 -18.28 5.33 -4.29
N MET B 107 -16.97 5.26 -4.57
CA MET B 107 -16.33 6.20 -5.50
C MET B 107 -16.79 6.04 -6.95
N THR B 108 -17.21 7.15 -7.56
CA THR B 108 -17.66 7.18 -8.96
C THR B 108 -16.58 6.70 -9.92
N GLN B 109 -15.34 7.11 -9.68
CA GLN B 109 -14.21 6.75 -10.55
C GLN B 109 -13.98 5.23 -10.57
N PHE B 110 -14.01 4.61 -9.39
CA PHE B 110 -13.89 3.16 -9.30
C PHE B 110 -15.01 2.45 -10.06
N LYS B 111 -16.23 2.94 -9.89
CA LYS B 111 -17.41 2.38 -10.57
C LYS B 111 -17.30 2.54 -12.09
N ASP B 112 -17.00 3.75 -12.55
CA ASP B 112 -16.87 4.02 -14.00
C ASP B 112 -15.74 3.22 -14.63
N LYS B 113 -14.58 3.20 -13.98
CA LYS B 113 -13.42 2.47 -14.51
C LYS B 113 -13.62 0.96 -14.47
N SER B 114 -14.31 0.45 -13.45
CA SER B 114 -14.67 -0.97 -13.35
C SER B 114 -15.53 -1.43 -14.53
N ALA B 115 -16.58 -0.65 -14.83
CA ALA B 115 -17.44 -0.90 -15.99
C ALA B 115 -16.64 -0.86 -17.29
N ARG B 116 -15.71 0.08 -17.39
CA ARG B 116 -14.89 0.24 -18.59
C ARG B 116 -13.80 -0.83 -18.76
N TYR B 117 -13.19 -1.26 -17.65
CA TYR B 117 -12.14 -2.28 -17.68
C TYR B 117 -12.55 -3.51 -16.87
N ALA B 118 -13.61 -4.18 -17.33
CA ALA B 118 -14.21 -5.33 -16.63
C ALA B 118 -13.25 -6.52 -16.45
N GLU B 119 -12.34 -6.71 -17.40
CA GLU B 119 -11.33 -7.78 -17.32
C GLU B 119 -10.14 -7.45 -16.39
N ASN B 120 -10.11 -6.25 -15.81
CA ASN B 120 -9.05 -5.84 -14.89
C ASN B 120 -9.59 -4.88 -13.82
N ILE B 121 -10.58 -5.37 -13.06
CA ILE B 121 -11.04 -4.70 -11.85
C ILE B 121 -10.08 -5.12 -10.73
N ASN B 122 -9.01 -4.36 -10.59
CA ASN B 122 -7.91 -4.70 -9.66
C ASN B 122 -7.97 -3.88 -8.37
N ALA B 123 -7.23 -4.36 -7.37
CA ALA B 123 -7.23 -3.76 -6.04
C ALA B 123 -6.61 -2.36 -6.02
N GLY B 124 -5.69 -2.09 -6.94
CA GLY B 124 -5.10 -0.76 -7.09
C GLY B 124 -6.14 0.25 -7.52
N LEU B 125 -6.99 -0.15 -8.46
CA LEU B 125 -8.10 0.69 -8.94
C LEU B 125 -9.07 1.01 -7.80
N PHE B 126 -9.38 0.02 -6.98
CA PHE B 126 -10.17 0.20 -5.76
C PHE B 126 -9.50 1.11 -4.72
N ASP B 127 -8.20 0.89 -4.53
CA ASP B 127 -7.43 1.60 -3.52
C ASP B 127 -6.86 2.94 -4.02
N TYR B 128 -7.10 3.25 -5.30
CA TYR B 128 -6.73 4.52 -5.95
C TYR B 128 -6.80 5.75 -5.04
N PRO B 129 -7.95 6.00 -4.38
CA PRO B 129 -8.06 7.25 -3.59
C PRO B 129 -7.12 7.35 -2.39
N VAL B 130 -6.68 6.21 -1.84
CA VAL B 130 -5.82 6.19 -0.66
C VAL B 130 -4.41 6.63 -1.03
N LEU B 131 -3.88 6.10 -2.13
CA LEU B 131 -2.59 6.58 -2.64
C LEU B 131 -2.63 8.08 -2.99
N MET B 132 -3.73 8.51 -3.62
CA MET B 132 -3.94 9.94 -3.93
C MET B 132 -3.94 10.83 -2.68
N ALA B 133 -4.59 10.38 -1.61
CA ALA B 133 -4.55 11.08 -0.33
C ALA B 133 -3.13 11.16 0.23
N ALA B 134 -2.38 10.06 0.12
CA ALA B 134 -0.98 10.06 0.53
C ALA B 134 -0.16 11.06 -0.30
N ASP B 135 -0.40 11.11 -1.62
CA ASP B 135 0.30 12.08 -2.51
C ASP B 135 0.14 13.51 -1.97
N ILE B 136 -1.09 13.86 -1.61
CA ILE B 136 -1.41 15.22 -1.16
C ILE B 136 -0.86 15.48 0.24
N LEU B 137 -1.19 14.59 1.18
CA LEU B 137 -0.88 14.80 2.60
C LEU B 137 0.62 14.78 2.94
N LEU B 138 1.42 14.07 2.14
CA LEU B 138 2.88 14.07 2.30
C LEU B 138 3.54 15.46 2.31
N TYR B 139 2.98 16.39 1.54
CA TYR B 139 3.63 17.70 1.32
C TYR B 139 3.05 18.85 2.13
N GLN B 140 2.29 18.54 3.18
CA GLN B 140 1.62 19.56 4.02
C GLN B 140 0.80 20.50 3.14
N THR B 141 0.04 19.90 2.23
CA THR B 141 -0.58 20.63 1.12
C THR B 141 -1.77 21.44 1.57
N ASN B 142 -1.81 22.70 1.13
CA ASN B 142 -2.93 23.61 1.41
C ASN B 142 -3.95 23.66 0.27
N LEU B 143 -3.48 23.67 -0.98
CA LEU B 143 -4.37 23.77 -2.14
C LEU B 143 -4.07 22.68 -3.17
N VAL B 144 -5.14 22.10 -3.74
CA VAL B 144 -5.00 21.04 -4.73
C VAL B 144 -5.79 21.42 -5.98
N PRO B 145 -5.10 21.91 -7.04
CA PRO B 145 -5.79 22.28 -8.27
C PRO B 145 -6.11 21.08 -9.15
N VAL B 146 -7.41 20.78 -9.25
CA VAL B 146 -7.90 19.65 -10.03
C VAL B 146 -9.15 20.02 -10.79
N GLY B 147 -9.53 19.15 -11.74
CA GLY B 147 -10.83 19.23 -12.39
C GLY B 147 -11.96 18.72 -11.49
N GLU B 148 -13.18 18.93 -11.95
CA GLU B 148 -14.40 18.48 -11.26
C GLU B 148 -14.43 16.98 -10.92
N ASP B 149 -13.95 16.16 -11.86
CA ASP B 149 -13.95 14.69 -11.72
C ASP B 149 -13.18 14.17 -10.50
N GLN B 150 -12.21 14.96 -10.00
CA GLN B 150 -11.45 14.60 -8.81
C GLN B 150 -12.00 15.14 -7.49
N LYS B 151 -13.16 15.79 -7.51
CA LYS B 151 -13.76 16.38 -6.30
C LYS B 151 -13.96 15.35 -5.19
N GLN B 152 -14.59 14.23 -5.53
CA GLN B 152 -14.89 13.17 -4.56
C GLN B 152 -13.60 12.62 -3.89
N HIS B 153 -12.59 12.34 -4.71
CA HIS B 153 -11.28 11.90 -4.21
C HIS B 153 -10.66 12.92 -3.27
N LEU B 154 -10.79 14.20 -3.63
CA LEU B 154 -10.27 15.29 -2.80
C LEU B 154 -10.94 15.31 -1.43
N GLU B 155 -12.26 15.17 -1.44
CA GLU B 155 -13.06 15.15 -0.21
C GLU B 155 -12.62 14.04 0.76
N LEU B 156 -12.33 12.85 0.22
CA LEU B 156 -11.85 11.75 1.07
C LEU B 156 -10.50 12.08 1.71
N SER B 157 -9.59 12.66 0.94
CA SER B 157 -8.28 13.06 1.47
C SER B 157 -8.40 14.05 2.63
N ARG B 158 -9.40 14.94 2.57
CA ARG B 158 -9.72 15.86 3.69
C ARG B 158 -10.24 15.09 4.91
N ASP B 159 -11.13 14.13 4.68
CA ASP B 159 -11.68 13.28 5.74
C ASP B 159 -10.60 12.45 6.42
N ILE B 160 -9.71 11.85 5.62
CA ILE B 160 -8.57 11.09 6.14
C ILE B 160 -7.66 11.97 6.98
N ALA B 161 -7.34 13.17 6.48
CA ALA B 161 -6.50 14.12 7.22
C ALA B 161 -7.12 14.51 8.57
N GLN B 162 -8.40 14.85 8.56
CA GLN B 162 -9.13 15.22 9.78
C GLN B 162 -9.22 14.04 10.77
N ARG B 163 -9.51 12.85 10.24
CA ARG B 163 -9.59 11.63 11.04
C ARG B 163 -8.28 11.29 11.73
N PHE B 164 -7.20 11.35 10.96
CA PHE B 164 -5.86 11.08 11.50
C PHE B 164 -5.42 12.14 12.51
N ASN B 165 -5.67 13.40 12.17
CA ASN B 165 -5.31 14.52 13.05
C ASN B 165 -6.02 14.42 14.40
N ALA B 166 -7.29 14.02 14.38
CA ALA B 166 -8.09 13.94 15.61
C ALA B 166 -7.52 12.94 16.62
N LEU B 167 -6.89 11.86 16.14
CA LEU B 167 -6.25 10.87 17.01
C LEU B 167 -4.86 11.30 17.46
N TYR B 168 -4.09 11.91 16.55
CA TYR B 168 -2.64 12.06 16.74
C TYR B 168 -2.09 13.49 16.84
N GLY B 169 -2.90 14.52 16.55
CA GLY B 169 -2.43 15.90 16.57
C GLY B 169 -2.31 16.50 15.18
N GLU B 170 -1.63 17.65 15.06
CA GLU B 170 -1.57 18.39 13.79
C GLU B 170 -0.50 17.83 12.86
N ILE B 171 -0.70 16.59 12.40
CA ILE B 171 0.29 15.89 11.60
C ILE B 171 0.16 16.33 10.14
N PHE B 172 -1.09 16.38 9.65
CA PHE B 172 -1.39 16.83 8.29
C PHE B 172 -2.07 18.19 8.27
N LYS B 173 -1.86 18.91 7.17
CA LYS B 173 -2.74 20.01 6.80
C LYS B 173 -3.98 19.44 6.12
N VAL B 174 -5.12 20.07 6.34
CA VAL B 174 -6.36 19.72 5.64
C VAL B 174 -6.35 20.47 4.31
N PRO B 175 -6.23 19.75 3.18
CA PRO B 175 -6.14 20.41 1.88
C PRO B 175 -7.49 20.96 1.41
N GLU B 176 -7.45 21.98 0.56
CA GLU B 176 -8.66 22.51 -0.07
C GLU B 176 -8.59 22.34 -1.58
N PRO B 177 -9.74 22.01 -2.21
CA PRO B 177 -9.74 21.92 -3.66
C PRO B 177 -9.63 23.31 -4.30
N PHE B 178 -8.98 23.37 -5.46
CA PHE B 178 -8.97 24.57 -6.31
C PHE B 178 -9.46 24.17 -7.71
N ILE B 179 -10.77 24.29 -7.92
CA ILE B 179 -11.43 23.89 -9.16
C ILE B 179 -11.81 25.19 -9.86
N PRO B 180 -11.40 25.36 -11.14
CA PRO B 180 -11.66 26.65 -11.79
C PRO B 180 -13.15 26.85 -12.07
N LYS B 181 -13.54 28.12 -12.27
CA LYS B 181 -14.94 28.48 -12.53
C LYS B 181 -15.40 27.95 -13.89
N SER B 182 -14.55 28.17 -14.90
CA SER B 182 -14.76 27.62 -16.25
C SER B 182 -13.68 26.58 -16.57
N GLY B 183 -14.04 25.65 -17.44
CA GLY B 183 -13.12 24.63 -17.94
C GLY B 183 -12.82 23.50 -16.96
N ALA B 184 -13.62 23.37 -15.89
CA ALA B 184 -13.43 22.33 -14.88
C ALA B 184 -13.91 20.96 -15.32
N ARG B 185 -14.74 20.92 -16.37
CA ARG B 185 -15.30 19.66 -16.87
C ARG B 185 -15.56 19.75 -18.38
N VAL B 186 -14.49 19.66 -19.16
CA VAL B 186 -14.58 19.78 -20.62
C VAL B 186 -15.16 18.48 -21.17
N MET B 187 -16.13 18.62 -22.06
CA MET B 187 -16.93 17.50 -22.52
C MET B 187 -16.50 16.98 -23.90
N SER B 188 -16.95 15.77 -24.22
CA SER B 188 -16.63 15.12 -25.48
C SER B 188 -17.33 15.80 -26.66
N LEU B 189 -16.61 15.94 -27.77
CA LEU B 189 -17.09 16.72 -28.92
C LEU B 189 -18.28 16.09 -29.66
N LEU B 190 -18.36 14.76 -29.70
CA LEU B 190 -19.50 14.06 -30.33
C LEU B 190 -20.50 13.51 -29.31
N GLU B 191 -20.21 13.70 -28.02
CA GLU B 191 -21.07 13.22 -26.95
C GLU B 191 -20.92 14.17 -25.75
N PRO B 192 -21.45 15.40 -25.87
CA PRO B 192 -21.19 16.46 -24.88
C PRO B 192 -21.78 16.25 -23.47
N THR B 193 -22.55 15.19 -23.27
CA THR B 193 -22.98 14.76 -21.94
C THR B 193 -21.92 13.88 -21.25
N LYS B 194 -20.90 13.46 -21.99
CA LYS B 194 -19.81 12.65 -21.47
C LYS B 194 -18.51 13.49 -21.39
N LYS B 195 -17.85 13.42 -20.25
CA LYS B 195 -16.58 14.10 -20.02
C LYS B 195 -15.53 13.70 -21.06
N MET B 196 -14.72 14.67 -21.49
CA MET B 196 -13.63 14.39 -22.43
C MET B 196 -12.58 13.54 -21.71
N SER B 197 -12.36 12.34 -22.26
CA SER B 197 -11.45 11.35 -21.70
C SER B 197 -10.25 11.18 -22.63
N LYS B 198 -9.04 11.31 -22.08
CA LYS B 198 -7.80 11.16 -22.84
C LYS B 198 -7.54 9.75 -23.40
N SER B 199 -8.25 8.74 -22.89
CA SER B 199 -8.18 7.39 -23.44
C SER B 199 -9.50 6.96 -24.12
N ASP B 200 -10.23 7.90 -24.72
CA ASP B 200 -11.48 7.57 -25.42
C ASP B 200 -11.19 6.69 -26.65
N ASP B 201 -11.95 5.62 -26.81
CA ASP B 201 -11.89 4.77 -28.01
C ASP B 201 -12.09 5.58 -29.29
N ASN B 202 -13.09 6.47 -29.26
CA ASN B 202 -13.38 7.40 -30.36
C ASN B 202 -12.50 8.66 -30.22
N ARG B 203 -11.45 8.74 -31.02
CA ARG B 203 -10.55 9.90 -31.04
C ARG B 203 -11.22 11.24 -31.37
N ASN B 204 -12.30 11.19 -32.15
CA ASN B 204 -13.04 12.41 -32.55
C ASN B 204 -13.71 13.17 -31.40
N ASN B 205 -13.89 12.48 -30.27
CA ASN B 205 -14.35 13.12 -29.02
C ASN B 205 -13.33 14.03 -28.34
N VAL B 206 -12.05 13.89 -28.68
CA VAL B 206 -10.94 14.41 -27.90
C VAL B 206 -10.14 15.44 -28.67
N ILE B 207 -9.75 16.52 -28.00
CA ILE B 207 -8.69 17.42 -28.47
C ILE B 207 -7.44 17.11 -27.64
N GLY B 208 -6.48 16.45 -28.27
CA GLY B 208 -5.20 16.13 -27.64
C GLY B 208 -4.26 17.31 -27.73
N LEU B 209 -3.47 17.51 -26.69
CA LEU B 209 -2.50 18.61 -26.65
C LEU B 209 -1.38 18.45 -27.66
N LEU B 210 -0.98 17.20 -27.92
CA LEU B 210 0.07 16.87 -28.89
C LEU B 210 -0.47 16.41 -30.25
N GLU B 211 -1.75 16.72 -30.50
CA GLU B 211 -2.42 16.30 -31.71
C GLU B 211 -2.18 17.36 -32.79
N ASP B 212 -2.03 16.91 -34.03
CA ASP B 212 -1.90 17.80 -35.19
C ASP B 212 -3.03 18.84 -35.17
N PRO B 213 -2.70 20.15 -35.16
CA PRO B 213 -3.74 21.20 -35.16
C PRO B 213 -4.80 21.06 -36.27
N LYS B 214 -4.36 20.73 -37.48
CA LYS B 214 -5.27 20.49 -38.63
C LYS B 214 -6.35 19.46 -38.30
N SER B 215 -5.94 18.35 -37.70
CA SER B 215 -6.85 17.30 -37.23
C SER B 215 -7.84 17.85 -36.18
N VAL B 216 -7.33 18.67 -35.26
CA VAL B 216 -8.13 19.27 -34.19
C VAL B 216 -9.17 20.27 -34.74
N VAL B 217 -8.77 21.08 -35.72
CA VAL B 217 -9.71 22.03 -36.37
C VAL B 217 -10.89 21.29 -37.02
N LYS B 218 -10.61 20.16 -37.67
CA LYS B 218 -11.64 19.33 -38.28
C LYS B 218 -12.62 18.77 -37.23
N LYS B 219 -12.08 18.37 -36.08
CA LYS B 219 -12.90 17.83 -34.98
C LYS B 219 -13.84 18.86 -34.38
N ILE B 220 -13.37 20.10 -34.27
CA ILE B 220 -14.19 21.19 -33.75
C ILE B 220 -15.36 21.50 -34.69
N LYS B 221 -15.12 21.52 -36.00
CA LYS B 221 -16.18 21.77 -37.00
C LYS B 221 -17.25 20.68 -37.00
N ARG B 222 -16.86 19.44 -36.67
CA ARG B 222 -17.81 18.33 -36.61
C ARG B 222 -18.43 18.12 -35.23
N ALA B 223 -18.08 18.94 -34.24
CA ALA B 223 -18.65 18.82 -32.89
C ALA B 223 -20.18 18.99 -32.93
N VAL B 224 -20.90 18.14 -32.19
CA VAL B 224 -22.37 18.21 -32.23
C VAL B 224 -22.83 19.46 -31.49
N THR B 225 -23.87 20.10 -32.02
CA THR B 225 -24.46 21.28 -31.41
C THR B 225 -25.91 20.93 -31.04
N ASP B 226 -26.90 21.55 -31.68
CA ASP B 226 -28.30 21.32 -31.35
C ASP B 226 -29.17 21.72 -32.53
N SER B 227 -30.46 21.45 -32.41
CA SER B 227 -31.43 21.71 -33.47
C SER B 227 -32.16 23.05 -33.37
N ASP B 228 -31.72 23.94 -32.47
CA ASP B 228 -32.43 25.22 -32.24
C ASP B 228 -32.61 25.99 -33.53
N GLU B 229 -33.81 26.53 -33.74
CA GLU B 229 -34.14 27.30 -34.93
C GLU B 229 -34.75 28.63 -34.51
N PRO B 230 -34.07 29.76 -34.76
CA PRO B 230 -32.74 29.83 -35.37
C PRO B 230 -31.61 29.32 -34.45
N PRO B 231 -30.45 28.97 -35.04
CA PRO B 231 -29.30 28.67 -34.18
C PRO B 231 -28.93 29.91 -33.37
N VAL B 232 -28.72 29.72 -32.06
CA VAL B 232 -28.34 30.81 -31.16
C VAL B 232 -27.20 30.34 -30.27
N VAL B 233 -26.16 31.16 -30.17
CA VAL B 233 -25.01 30.87 -29.33
C VAL B 233 -25.32 31.39 -27.92
N ARG B 234 -25.78 30.49 -27.06
CA ARG B 234 -26.15 30.78 -25.68
C ARG B 234 -25.73 29.63 -24.78
N TYR B 235 -25.11 29.95 -23.63
CA TYR B 235 -24.65 28.92 -22.68
C TYR B 235 -25.86 28.33 -21.96
N ASP B 236 -26.01 27.01 -22.04
CA ASP B 236 -27.12 26.28 -21.45
C ASP B 236 -26.80 24.77 -21.50
N VAL B 237 -26.33 24.22 -20.38
CA VAL B 237 -25.79 22.86 -20.36
C VAL B 237 -26.86 21.80 -20.63
N GLN B 238 -28.07 22.04 -20.13
CA GLN B 238 -29.15 21.07 -20.19
C GLN B 238 -29.73 20.93 -21.61
N ASN B 239 -29.95 22.07 -22.26
CA ASN B 239 -30.58 22.14 -23.59
C ASN B 239 -29.58 22.25 -24.74
N LYS B 240 -28.37 22.78 -24.47
CA LYS B 240 -27.39 23.12 -25.51
C LYS B 240 -25.97 22.70 -25.09
N ALA B 241 -25.82 21.42 -24.74
CA ALA B 241 -24.57 20.87 -24.19
C ALA B 241 -23.34 21.14 -25.07
N GLY B 242 -23.47 20.89 -26.37
CA GLY B 242 -22.36 21.08 -27.32
C GLY B 242 -21.92 22.51 -27.50
N VAL B 243 -22.89 23.39 -27.73
CA VAL B 243 -22.64 24.82 -27.87
C VAL B 243 -22.01 25.40 -26.60
N SER B 244 -22.52 24.98 -25.44
CA SER B 244 -21.99 25.40 -24.14
C SER B 244 -20.54 24.96 -23.93
N ASN B 245 -20.25 23.71 -24.26
CA ASN B 245 -18.89 23.16 -24.19
C ASN B 245 -17.91 23.95 -25.08
N LEU B 246 -18.36 24.30 -26.28
CA LEU B 246 -17.56 25.12 -27.19
C LEU B 246 -17.30 26.52 -26.63
N LEU B 247 -18.32 27.14 -26.05
CA LEU B 247 -18.19 28.43 -25.36
C LEU B 247 -17.21 28.34 -24.19
N ASP B 248 -17.37 27.30 -23.37
CA ASP B 248 -16.48 27.00 -22.24
C ASP B 248 -15.00 26.87 -22.70
N ILE B 249 -14.78 26.12 -23.78
CA ILE B 249 -13.45 25.99 -24.38
C ILE B 249 -12.88 27.33 -24.87
N LEU B 250 -13.69 28.11 -25.59
CA LEU B 250 -13.24 29.40 -26.13
C LEU B 250 -12.87 30.37 -25.02
N SER B 251 -13.70 30.42 -23.99
CA SER B 251 -13.48 31.26 -22.81
C SER B 251 -12.15 30.97 -22.14
N ALA B 252 -11.89 29.69 -21.89
CA ALA B 252 -10.67 29.27 -21.22
C ALA B 252 -9.39 29.51 -22.02
N VAL B 253 -9.47 29.49 -23.35
CA VAL B 253 -8.30 29.74 -24.21
C VAL B 253 -8.04 31.24 -24.32
N THR B 254 -9.07 32.00 -24.65
CA THR B 254 -8.96 33.44 -24.92
C THR B 254 -8.92 34.30 -23.66
N GLY B 255 -9.58 33.84 -22.60
CA GLY B 255 -9.72 34.61 -21.36
C GLY B 255 -11.05 35.36 -21.22
N GLN B 256 -11.80 35.46 -22.32
CA GLN B 256 -13.07 36.20 -22.35
C GLN B 256 -14.13 35.46 -21.54
N SER B 257 -15.04 36.21 -20.92
CA SER B 257 -16.15 35.63 -20.14
C SER B 257 -17.29 35.13 -21.05
N ILE B 258 -18.25 34.40 -20.46
CA ILE B 258 -19.39 33.86 -21.21
C ILE B 258 -20.29 35.01 -21.73
N PRO B 259 -20.71 35.95 -20.86
CA PRO B 259 -21.43 37.13 -21.36
C PRO B 259 -20.71 37.87 -22.49
N GLU B 260 -19.39 38.05 -22.37
CA GLU B 260 -18.60 38.70 -23.41
C GLU B 260 -18.66 37.92 -24.74
N LEU B 261 -18.57 36.60 -24.63
CA LEU B 261 -18.65 35.73 -25.82
C LEU B 261 -20.06 35.71 -26.41
N GLU B 262 -21.08 35.60 -25.55
CA GLU B 262 -22.48 35.67 -26.01
C GLU B 262 -22.80 36.97 -26.72
N LYS B 263 -22.27 38.09 -26.22
CA LYS B 263 -22.43 39.39 -26.85
C LYS B 263 -21.76 39.41 -28.22
N GLN B 264 -20.51 38.95 -28.26
CA GLN B 264 -19.73 38.83 -29.50
C GLN B 264 -20.44 38.03 -30.60
N PHE B 265 -21.16 36.98 -30.22
CA PHE B 265 -21.86 36.11 -31.18
C PHE B 265 -23.36 36.44 -31.35
N GLU B 266 -23.81 37.57 -30.80
CA GLU B 266 -25.19 38.02 -30.98
C GLU B 266 -25.43 38.20 -32.46
N GLY B 267 -26.51 37.61 -32.97
CA GLY B 267 -26.81 37.61 -34.40
C GLY B 267 -25.90 36.72 -35.25
N LYS B 268 -25.18 35.80 -34.60
CA LYS B 268 -24.30 34.85 -35.31
C LYS B 268 -24.73 33.43 -34.93
N MET B 269 -24.25 32.46 -35.71
CA MET B 269 -24.65 31.06 -35.57
C MET B 269 -23.41 30.19 -35.32
N TYR B 270 -23.52 28.88 -35.50
CA TYR B 270 -22.48 27.97 -35.04
C TYR B 270 -21.22 27.93 -35.92
N GLY B 271 -21.31 28.48 -37.14
CA GLY B 271 -20.14 28.68 -38.00
C GLY B 271 -19.12 29.62 -37.38
N HIS B 272 -19.60 30.77 -36.93
CA HIS B 272 -18.74 31.75 -36.24
C HIS B 272 -18.16 31.20 -34.93
N LEU B 273 -19.01 30.54 -34.15
CA LEU B 273 -18.57 29.95 -32.88
C LEU B 273 -17.43 28.97 -33.13
N LYS B 274 -17.67 28.00 -34.00
CA LYS B 274 -16.67 26.96 -34.30
C LYS B 274 -15.38 27.50 -34.96
N GLY B 275 -15.54 28.51 -35.82
CA GLY B 275 -14.40 29.16 -36.46
C GLY B 275 -13.46 29.80 -35.43
N GLU B 276 -14.05 30.46 -34.44
CA GLU B 276 -13.29 31.11 -33.38
C GLU B 276 -12.65 30.11 -32.42
N VAL B 277 -13.40 29.09 -32.01
CA VAL B 277 -12.87 28.01 -31.16
C VAL B 277 -11.67 27.35 -31.86
N ALA B 278 -11.85 26.96 -33.12
CA ALA B 278 -10.79 26.30 -33.90
C ALA B 278 -9.54 27.15 -34.06
N ASP B 279 -9.71 28.46 -34.31
CA ASP B 279 -8.58 29.40 -34.42
C ASP B 279 -7.81 29.53 -33.12
N ALA B 280 -8.54 29.80 -32.03
CA ALA B 280 -7.93 29.93 -30.70
C ALA B 280 -7.19 28.64 -30.28
N VAL B 281 -7.84 27.49 -30.41
CA VAL B 281 -7.23 26.22 -30.01
C VAL B 281 -6.06 25.84 -30.93
N SER B 282 -6.19 26.05 -32.25
CA SER B 282 -5.10 25.74 -33.19
C SER B 282 -3.83 26.54 -32.87
N GLY B 283 -4.01 27.84 -32.61
CA GLY B 283 -2.90 28.71 -32.22
C GLY B 283 -2.20 28.29 -30.93
N MET B 284 -3.00 27.92 -29.93
CA MET B 284 -2.48 27.45 -28.63
C MET B 284 -1.66 26.15 -28.76
N LEU B 285 -2.21 25.18 -29.48
CA LEU B 285 -1.56 23.88 -29.69
C LEU B 285 -0.31 23.96 -30.59
N THR B 286 -0.34 24.82 -31.60
CA THR B 286 0.85 25.08 -32.44
C THR B 286 2.03 25.58 -31.58
N GLU B 287 1.78 26.59 -30.75
CA GLU B 287 2.82 27.18 -29.89
C GLU B 287 3.30 26.20 -28.83
N LEU B 288 2.35 25.54 -28.17
CA LEU B 288 2.64 24.54 -27.15
C LEU B 288 3.52 23.41 -27.66
N GLN B 289 3.14 22.85 -28.81
CA GLN B 289 3.88 21.75 -29.44
C GLN B 289 5.29 22.16 -29.87
N GLU B 290 5.45 23.44 -30.21
CA GLU B 290 6.75 23.99 -30.58
C GLU B 290 7.74 23.98 -29.40
N ARG B 291 7.31 24.44 -28.22
N ARG B 291 7.30 24.44 -28.23
CA ARG B 291 8.14 24.35 -27.01
CA ARG B 291 8.11 24.37 -27.00
C ARG B 291 8.32 22.90 -26.54
C ARG B 291 8.30 22.91 -26.54
N TYR B 292 7.27 22.09 -26.69
CA TYR B 292 7.30 20.68 -26.30
C TYR B 292 8.43 19.87 -26.91
N HIS B 293 8.65 20.00 -28.22
CA HIS B 293 9.69 19.22 -28.88
C HIS B 293 11.10 19.58 -28.41
N ARG B 294 11.34 20.86 -28.12
CA ARG B 294 12.62 21.32 -27.57
C ARG B 294 12.92 20.66 -26.22
N PHE B 295 11.90 20.54 -25.37
CA PHE B 295 12.04 19.86 -24.08
C PHE B 295 12.09 18.33 -24.25
N ARG B 296 11.19 17.80 -25.07
CA ARG B 296 11.00 16.35 -25.17
C ARG B 296 12.21 15.60 -25.74
N ASN B 297 12.97 16.26 -26.62
CA ASN B 297 14.15 15.66 -27.24
C ASN B 297 15.46 15.95 -26.50
N ASP B 298 15.38 16.65 -25.36
CA ASP B 298 16.54 17.02 -24.56
C ASP B 298 16.56 16.13 -23.31
N GLU B 299 17.03 14.89 -23.49
CA GLU B 299 17.01 13.90 -22.40
C GLU B 299 17.82 14.31 -21.18
N ALA B 300 18.94 14.98 -21.39
CA ALA B 300 19.76 15.45 -20.27
C ALA B 300 19.01 16.45 -19.38
N PHE B 301 18.21 17.31 -19.99
CA PHE B 301 17.40 18.28 -19.26
C PHE B 301 16.26 17.58 -18.49
N LEU B 302 15.58 16.64 -19.15
CA LEU B 302 14.51 15.88 -18.50
C LEU B 302 15.04 15.03 -17.34
N GLN B 303 16.21 14.45 -17.52
CA GLN B 303 16.86 13.67 -16.45
C GLN B 303 17.19 14.53 -15.24
N GLN B 304 17.75 15.71 -15.49
CA GLN B 304 18.07 16.68 -14.42
C GLN B 304 16.83 17.19 -13.68
N VAL B 305 15.76 17.47 -14.41
CA VAL B 305 14.52 17.95 -13.81
C VAL B 305 13.96 16.89 -12.86
N MET B 306 13.92 15.64 -13.32
CA MET B 306 13.48 14.52 -12.51
C MET B 306 14.36 14.34 -11.26
N LYS B 307 15.67 14.44 -11.44
CA LYS B 307 16.64 14.28 -10.33
C LYS B 307 16.43 15.34 -9.25
N ASP B 308 16.46 16.61 -9.66
CA ASP B 308 16.28 17.76 -8.73
C ASP B 308 14.92 17.73 -8.04
N GLY B 309 13.89 17.42 -8.80
CA GLY B 309 12.53 17.37 -8.28
C GLY B 309 12.28 16.29 -7.25
N ALA B 310 12.76 15.08 -7.53
CA ALA B 310 12.69 13.99 -6.56
C ALA B 310 13.45 14.32 -5.27
N GLU B 311 14.62 14.95 -5.40
CA GLU B 311 15.39 15.41 -4.22
C GLU B 311 14.59 16.37 -3.35
N LYS B 312 14.02 17.40 -3.96
CA LYS B 312 13.19 18.40 -3.26
C LYS B 312 11.97 17.76 -2.62
N ALA B 313 11.26 16.95 -3.40
CA ALA B 313 10.10 16.20 -2.92
C ALA B 313 10.44 15.28 -1.75
N SER B 314 11.50 14.50 -1.87
CA SER B 314 11.92 13.58 -0.79
C SER B 314 12.15 14.28 0.55
N ALA B 315 12.73 15.47 0.50
CA ALA B 315 12.99 16.27 1.71
C ALA B 315 11.70 16.55 2.48
N HIS B 316 10.66 17.00 1.77
CA HIS B 316 9.36 17.22 2.39
C HIS B 316 8.69 15.92 2.82
N ALA B 317 8.71 14.92 1.94
CA ALA B 317 7.98 13.66 2.17
C ALA B 317 8.53 12.90 3.37
N SER B 318 9.86 12.76 3.43
CA SER B 318 10.51 12.07 4.57
C SER B 318 10.13 12.70 5.92
N ARG B 319 10.06 14.04 5.94
CA ARG B 319 9.69 14.78 7.14
C ARG B 319 8.30 14.41 7.63
N THR B 320 7.32 14.42 6.72
CA THR B 320 5.94 14.07 7.05
C THR B 320 5.82 12.59 7.47
N LEU B 321 6.46 11.70 6.72
CA LEU B 321 6.38 10.27 7.02
C LEU B 321 6.96 9.93 8.40
N LYS B 322 8.10 10.53 8.73
CA LYS B 322 8.72 10.39 10.07
C LYS B 322 7.74 10.75 11.19
N ALA B 323 7.02 11.86 11.02
CA ALA B 323 6.00 12.29 11.98
C ALA B 323 4.81 11.32 12.06
N VAL B 324 4.35 10.84 10.90
CA VAL B 324 3.27 9.85 10.82
C VAL B 324 3.66 8.57 11.55
N TYR B 325 4.85 8.05 11.21
CA TYR B 325 5.38 6.84 11.84
C TYR B 325 5.57 6.99 13.36
N GLU B 326 6.03 8.15 13.80
CA GLU B 326 6.18 8.42 15.24
C GLU B 326 4.81 8.41 15.94
N ALA B 327 3.81 9.02 15.32
CA ALA B 327 2.45 9.08 15.87
C ALA B 327 1.74 7.72 15.97
N ILE B 328 1.81 6.93 14.91
CA ILE B 328 1.12 5.63 14.88
C ILE B 328 1.80 4.58 15.75
N GLY B 329 3.07 4.82 16.10
CA GLY B 329 3.78 4.00 17.08
C GLY B 329 4.84 3.05 16.54
N PHE B 330 5.39 3.33 15.36
CA PHE B 330 6.44 2.49 14.81
C PHE B 330 7.77 2.83 15.47
N VAL B 331 8.61 1.81 15.63
CA VAL B 331 10.01 2.00 16.02
C VAL B 331 10.70 2.75 14.88
N ALA B 332 11.28 3.90 15.20
CA ALA B 332 11.92 4.76 14.20
C ALA B 332 13.14 4.06 13.60
N LYS B 333 13.26 4.16 12.28
CA LYS B 333 14.42 3.65 11.57
C LYS B 333 15.69 4.41 11.98
N ARG B 334 16.81 3.70 12.03
CA ARG B 334 18.11 4.30 12.39
C ARG B 334 18.79 4.90 11.15
#